data_3B7J
#
_entry.id   3B7J
#
_cell.length_a   73.983
_cell.length_b   100.369
_cell.length_c   186.236
_cell.angle_alpha   90.000
_cell.angle_beta   90.000
_cell.angle_gamma   90.000
#
_symmetry.space_group_name_H-M   'P 21 21 21'
#
loop_
_entity.id
_entity.type
_entity.pdbx_description
1 polymer '(3R)-hydroxymyristoyl-acyl carrier protein dehydratase'
2 non-polymer 'CHLORIDE ION'
3 non-polymer BENZAMIDINE
4 non-polymer 5-hydroxynaphthalene-1,4-dione
5 water water
#
_entity_poly.entity_id   1
_entity_poly.type   'polypeptide(L)'
_entity_poly.pdbx_seq_one_letter_code
;MEQSHQNLQSQFFIEHILQILPHRYPMLLVDRITELQANQKIVAYKNITFNEDVFNGHFPNKPIFPGVLIVEGMAQSGGF
LAFTSLWGFDPEIAKTKIVYFMTIDKVKFRIPVTPGDRLEYHLEVLKHKGMIWQVGGTAQVDGKVVAEAELKAMIAERE
;
_entity_poly.pdbx_strand_id   A,B,C,D,E,F
#
# COMPACT_ATOMS: atom_id res chain seq x y z
N LEU A 8 32.70 -19.02 -0.18
CA LEU A 8 31.83 -17.80 -0.18
C LEU A 8 32.11 -17.00 -1.45
N GLN A 9 31.06 -16.53 -2.11
CA GLN A 9 31.20 -15.76 -3.34
C GLN A 9 31.20 -14.26 -3.02
N SER A 10 31.46 -13.42 -4.02
CA SER A 10 31.48 -11.98 -3.83
C SER A 10 30.29 -11.26 -4.46
N GLN A 11 29.52 -11.97 -5.30
CA GLN A 11 28.34 -11.36 -5.91
C GLN A 11 27.07 -12.11 -5.49
N PHE A 12 26.08 -11.36 -5.04
CA PHE A 12 24.80 -11.95 -4.61
C PHE A 12 23.66 -11.10 -5.16
N PHE A 13 22.60 -11.75 -5.60
CA PHE A 13 21.46 -11.04 -6.13
C PHE A 13 20.27 -11.16 -5.17
N ILE A 14 19.19 -10.44 -5.47
CA ILE A 14 18.01 -10.44 -4.61
C ILE A 14 17.57 -11.83 -4.15
N GLU A 15 17.70 -12.82 -5.01
CA GLU A 15 17.32 -14.19 -4.66
C GLU A 15 18.12 -14.68 -3.44
N HIS A 16 19.42 -14.37 -3.41
CA HIS A 16 20.28 -14.80 -2.32
C HIS A 16 20.12 -13.95 -1.06
N ILE A 17 19.85 -12.66 -1.25
CA ILE A 17 19.66 -11.73 -0.15
C ILE A 17 18.43 -12.12 0.67
N LEU A 18 17.40 -12.60 -0.01
CA LEU A 18 16.15 -13.02 0.64
C LEU A 18 16.33 -14.25 1.53
N GLN A 19 17.30 -15.09 1.19
CA GLN A 19 17.56 -16.30 1.97
C GLN A 19 18.40 -16.02 3.21
N ILE A 20 19.08 -14.89 3.21
CA ILE A 20 19.93 -14.52 4.32
C ILE A 20 19.30 -13.51 5.28
N LEU A 21 18.73 -12.42 4.76
CA LEU A 21 18.12 -11.43 5.63
C LEU A 21 16.64 -11.75 5.89
N PRO A 22 16.16 -11.43 7.10
CA PRO A 22 14.76 -11.68 7.43
C PRO A 22 13.86 -10.55 6.95
N HIS A 23 14.46 -9.40 6.61
CA HIS A 23 13.73 -8.23 6.14
C HIS A 23 12.90 -8.54 4.88
N ARG A 24 11.72 -7.95 4.81
CA ARG A 24 10.83 -8.11 3.67
C ARG A 24 10.17 -6.76 3.39
N TYR A 25 9.41 -6.65 2.30
CA TYR A 25 8.73 -5.41 1.95
C TYR A 25 7.90 -4.91 3.13
N PRO A 26 7.94 -3.60 3.43
CA PRO A 26 8.71 -2.54 2.77
C PRO A 26 9.97 -2.11 3.54
N MET A 27 10.71 -3.06 4.09
CA MET A 27 11.92 -2.77 4.84
C MET A 27 13.17 -3.53 4.37
N LEU A 28 13.08 -4.21 3.23
CA LEU A 28 14.26 -4.90 2.71
C LEU A 28 14.86 -3.84 1.79
N LEU A 29 15.94 -3.22 2.25
CA LEU A 29 16.55 -2.13 1.49
C LEU A 29 17.89 -2.38 0.81
N VAL A 30 18.12 -3.63 0.40
CA VAL A 30 19.34 -3.99 -0.30
C VAL A 30 18.92 -4.85 -1.49
N ASP A 31 19.29 -4.42 -2.69
CA ASP A 31 18.90 -5.15 -3.91
C ASP A 31 19.96 -6.07 -4.50
N ARG A 32 21.23 -5.74 -4.28
CA ARG A 32 22.30 -6.54 -4.84
C ARG A 32 23.62 -6.28 -4.10
N ILE A 33 24.46 -7.31 -4.03
CA ILE A 33 25.76 -7.22 -3.39
C ILE A 33 26.75 -7.43 -4.51
N THR A 34 27.65 -6.47 -4.73
CA THR A 34 28.62 -6.57 -5.80
C THR A 34 30.02 -6.99 -5.35
N GLU A 35 30.33 -6.76 -4.07
CA GLU A 35 31.63 -7.09 -3.50
C GLU A 35 31.39 -7.62 -2.10
N LEU A 36 32.20 -8.60 -1.71
CA LEU A 36 32.07 -9.18 -0.38
C LEU A 36 33.37 -9.85 -0.03
N GLN A 37 33.92 -9.49 1.12
CA GLN A 37 35.15 -10.08 1.63
C GLN A 37 34.91 -10.38 3.11
N ALA A 38 34.82 -11.67 3.43
CA ALA A 38 34.57 -12.11 4.80
C ALA A 38 35.41 -11.36 5.84
N ASN A 39 34.75 -10.93 6.92
CA ASN A 39 35.41 -10.22 8.02
C ASN A 39 36.04 -8.88 7.65
N GLN A 40 35.92 -8.47 6.40
CA GLN A 40 36.56 -7.22 5.99
C GLN A 40 35.60 -6.20 5.44
N LYS A 41 34.84 -6.55 4.40
CA LYS A 41 33.92 -5.59 3.84
C LYS A 41 32.88 -6.13 2.88
N ILE A 42 31.99 -5.21 2.52
CA ILE A 42 30.92 -5.49 1.60
C ILE A 42 30.55 -4.21 0.86
N VAL A 43 30.21 -4.35 -0.42
CA VAL A 43 29.78 -3.24 -1.23
C VAL A 43 28.50 -3.77 -1.86
N ALA A 44 27.40 -3.09 -1.58
CA ALA A 44 26.12 -3.48 -2.12
C ALA A 44 25.36 -2.20 -2.45
N TYR A 45 24.20 -2.35 -3.09
CA TYR A 45 23.42 -1.19 -3.44
C TYR A 45 21.94 -1.47 -3.49
N LYS A 46 21.16 -0.40 -3.48
CA LYS A 46 19.71 -0.45 -3.56
C LYS A 46 19.31 0.61 -4.58
N ASN A 47 18.54 0.23 -5.59
CA ASN A 47 18.09 1.20 -6.57
C ASN A 47 16.99 2.05 -5.94
N ILE A 48 16.95 3.32 -6.34
CA ILE A 48 15.94 4.22 -5.83
C ILE A 48 15.05 4.61 -6.99
N THR A 49 13.77 4.30 -6.87
CA THR A 49 12.80 4.61 -7.91
C THR A 49 11.66 5.42 -7.30
N PHE A 50 10.96 6.18 -8.13
CA PHE A 50 9.84 6.97 -7.64
C PHE A 50 8.71 6.04 -7.23
N ASN A 51 8.68 4.85 -7.81
CA ASN A 51 7.64 3.84 -7.55
C ASN A 51 7.76 3.16 -6.17
N GLU A 52 8.11 3.94 -5.16
CA GLU A 52 8.23 3.42 -3.81
C GLU A 52 7.26 4.17 -2.90
N ASP A 53 6.53 3.41 -2.08
CA ASP A 53 5.53 3.98 -1.19
C ASP A 53 6.08 5.09 -0.30
N VAL A 54 7.33 4.97 0.12
CA VAL A 54 7.93 5.96 0.99
C VAL A 54 7.86 7.38 0.44
N PHE A 55 7.95 7.52 -0.87
CA PHE A 55 7.91 8.84 -1.48
C PHE A 55 6.54 9.51 -1.51
N ASN A 56 5.49 8.76 -1.16
CA ASN A 56 4.18 9.39 -1.13
C ASN A 56 4.19 10.41 0.00
N GLY A 57 4.94 10.13 1.06
CA GLY A 57 4.98 11.03 2.18
C GLY A 57 6.31 11.69 2.51
N HIS A 58 7.32 11.53 1.67
CA HIS A 58 8.62 12.12 1.96
C HIS A 58 9.37 12.54 0.70
N PHE A 59 8.96 13.65 0.06
CA PHE A 59 7.84 14.48 0.48
C PHE A 59 6.94 14.69 -0.74
N PRO A 60 5.68 15.12 -0.52
CA PRO A 60 4.82 15.34 -1.68
C PRO A 60 5.48 16.33 -2.63
N ASN A 61 5.54 15.98 -3.92
CA ASN A 61 6.16 16.83 -4.94
C ASN A 61 7.67 17.06 -4.78
N LYS A 62 8.28 16.40 -3.81
CA LYS A 62 9.72 16.55 -3.58
C LYS A 62 10.27 15.23 -3.04
N PRO A 63 10.31 14.19 -3.88
CA PRO A 63 10.83 12.88 -3.43
C PRO A 63 12.26 12.85 -2.90
N ILE A 64 12.41 12.62 -1.60
CA ILE A 64 13.73 12.53 -0.97
C ILE A 64 13.79 11.21 -0.21
N PHE A 65 14.75 10.36 -0.51
CA PHE A 65 14.86 9.09 0.20
C PHE A 65 15.31 9.42 1.62
N PRO A 66 14.52 9.01 2.63
CA PRO A 66 14.84 9.26 4.04
C PRO A 66 16.25 8.86 4.49
N GLY A 67 16.98 9.83 5.06
CA GLY A 67 18.32 9.58 5.54
C GLY A 67 18.39 8.38 6.49
N VAL A 68 17.37 8.21 7.32
CA VAL A 68 17.36 7.10 8.26
C VAL A 68 17.26 5.76 7.52
N LEU A 69 16.61 5.76 6.36
CA LEU A 69 16.50 4.52 5.59
C LEU A 69 17.82 4.21 4.88
N ILE A 70 18.63 5.25 4.65
CA ILE A 70 19.94 5.06 4.02
C ILE A 70 20.78 4.29 5.05
N VAL A 71 20.68 4.71 6.30
CA VAL A 71 21.41 4.07 7.39
C VAL A 71 20.98 2.63 7.56
N GLU A 72 19.67 2.41 7.53
CA GLU A 72 19.08 1.08 7.67
C GLU A 72 19.65 0.17 6.57
N GLY A 73 19.83 0.76 5.38
CA GLY A 73 20.37 0.02 4.25
C GLY A 73 21.82 -0.37 4.48
N MET A 74 22.59 0.53 5.07
CA MET A 74 23.99 0.27 5.38
C MET A 74 24.06 -0.85 6.42
N ALA A 75 23.22 -0.77 7.45
CA ALA A 75 23.19 -1.78 8.52
C ALA A 75 22.81 -3.16 8.01
N GLN A 76 21.85 -3.25 7.09
CA GLN A 76 21.44 -4.53 6.55
C GLN A 76 22.61 -5.13 5.78
N SER A 77 23.36 -4.29 5.07
CA SER A 77 24.53 -4.75 4.33
C SER A 77 25.51 -5.28 5.36
N GLY A 78 25.74 -4.49 6.40
CA GLY A 78 26.64 -4.91 7.46
C GLY A 78 26.21 -6.23 8.06
N GLY A 79 24.90 -6.36 8.27
CA GLY A 79 24.35 -7.59 8.83
C GLY A 79 24.64 -8.81 7.96
N PHE A 80 24.49 -8.64 6.65
CA PHE A 80 24.74 -9.72 5.69
C PHE A 80 26.20 -10.11 5.74
N LEU A 81 27.08 -9.11 5.84
CA LEU A 81 28.51 -9.34 5.90
C LEU A 81 28.86 -10.11 7.17
N ALA A 82 28.33 -9.65 8.30
CA ALA A 82 28.60 -10.29 9.58
C ALA A 82 28.18 -11.74 9.59
N PHE A 83 26.96 -12.01 9.12
CA PHE A 83 26.44 -13.36 9.10
C PHE A 83 27.22 -14.28 8.18
N THR A 84 27.43 -13.84 6.94
CA THR A 84 28.16 -14.66 5.98
C THR A 84 29.62 -14.86 6.36
N SER A 85 30.20 -13.91 7.07
CA SER A 85 31.59 -14.05 7.50
C SER A 85 31.70 -15.22 8.47
N LEU A 86 30.66 -15.38 9.28
CA LEU A 86 30.63 -16.43 10.28
C LEU A 86 30.13 -17.80 9.81
N TRP A 87 29.04 -17.82 9.06
CA TRP A 87 28.46 -19.09 8.60
C TRP A 87 28.48 -19.33 7.09
N GLY A 88 29.04 -18.40 6.34
CA GLY A 88 29.04 -18.58 4.90
C GLY A 88 27.60 -18.46 4.43
N PHE A 89 27.32 -18.82 3.18
CA PHE A 89 25.97 -18.74 2.65
C PHE A 89 25.15 -19.92 3.16
N ASP A 90 24.56 -19.75 4.34
CA ASP A 90 23.77 -20.81 4.97
C ASP A 90 22.36 -20.35 5.30
N PRO A 91 21.41 -20.60 4.39
CA PRO A 91 20.00 -20.21 4.57
C PRO A 91 19.33 -20.81 5.80
N GLU A 92 19.58 -22.08 6.04
CA GLU A 92 18.96 -22.76 7.18
C GLU A 92 19.32 -22.13 8.52
N ILE A 93 20.59 -21.79 8.70
CA ILE A 93 21.01 -21.15 9.94
C ILE A 93 20.58 -19.68 9.95
N ALA A 94 20.64 -19.02 8.79
CA ALA A 94 20.25 -17.63 8.71
C ALA A 94 18.82 -17.46 9.22
N LYS A 95 18.00 -18.45 8.90
CA LYS A 95 16.60 -18.46 9.28
C LYS A 95 16.40 -18.45 10.80
N THR A 96 17.46 -18.75 11.56
CA THR A 96 17.37 -18.78 13.02
C THR A 96 18.10 -17.64 13.73
N LYS A 97 18.76 -16.79 12.95
CA LYS A 97 19.47 -15.65 13.52
C LYS A 97 18.82 -14.37 13.04
N ILE A 98 19.14 -13.26 13.70
CA ILE A 98 18.57 -11.97 13.32
C ILE A 98 19.52 -10.89 13.85
N VAL A 99 19.86 -9.92 13.01
CA VAL A 99 20.76 -8.85 13.41
C VAL A 99 20.02 -7.66 14.01
N TYR A 100 20.51 -7.17 15.14
CA TYR A 100 19.90 -6.03 15.82
C TYR A 100 20.90 -4.87 15.99
N PHE A 101 20.38 -3.65 15.88
CA PHE A 101 21.12 -2.39 16.04
C PHE A 101 21.44 -2.18 17.51
N MET A 102 22.70 -2.03 17.88
CA MET A 102 22.99 -1.75 19.27
C MET A 102 23.23 -0.25 19.34
N THR A 103 24.08 0.24 18.45
CA THR A 103 24.40 1.66 18.42
C THR A 103 24.58 2.18 17.00
N ILE A 104 24.51 3.49 16.88
CA ILE A 104 24.70 4.18 15.61
C ILE A 104 25.42 5.47 15.99
N ASP A 105 26.55 5.75 15.35
CA ASP A 105 27.32 6.95 15.63
C ASP A 105 27.88 7.60 14.39
N LYS A 106 28.32 8.85 14.54
CA LYS A 106 28.93 9.62 13.47
C LYS A 106 28.19 9.58 12.13
N VAL A 107 26.87 9.71 12.18
CA VAL A 107 26.08 9.72 10.96
C VAL A 107 26.01 11.13 10.37
N LYS A 108 26.37 11.25 9.10
CA LYS A 108 26.33 12.55 8.46
C LYS A 108 25.68 12.44 7.09
N PHE A 109 24.76 13.35 6.80
CA PHE A 109 24.09 13.36 5.51
C PHE A 109 24.68 14.50 4.69
N ARG A 110 25.32 14.18 3.58
CA ARG A 110 25.95 15.20 2.75
C ARG A 110 25.15 15.58 1.52
N ILE A 111 24.55 14.59 0.86
CA ILE A 111 23.78 14.84 -0.36
C ILE A 111 22.45 14.09 -0.37
N PRO A 112 21.36 14.77 -0.75
CA PRO A 112 20.06 14.10 -0.78
C PRO A 112 20.00 13.03 -1.86
N VAL A 113 19.33 11.94 -1.55
CA VAL A 113 19.15 10.81 -2.46
C VAL A 113 17.76 10.91 -3.08
N THR A 114 17.69 10.78 -4.41
CA THR A 114 16.42 10.89 -5.11
C THR A 114 16.17 9.79 -6.13
N PRO A 115 14.92 9.65 -6.59
CA PRO A 115 14.57 8.63 -7.58
C PRO A 115 15.54 8.70 -8.76
N GLY A 116 15.95 7.53 -9.24
CA GLY A 116 16.88 7.48 -10.34
C GLY A 116 18.29 7.23 -9.83
N ASP A 117 18.49 7.45 -8.54
CA ASP A 117 19.80 7.25 -7.91
C ASP A 117 20.09 5.78 -7.65
N ARG A 118 21.36 5.43 -7.65
CA ARG A 118 21.80 4.06 -7.34
C ARG A 118 22.50 4.24 -6.00
N LEU A 119 21.81 3.90 -4.92
CA LEU A 119 22.34 4.04 -3.56
C LEU A 119 23.29 2.89 -3.24
N GLU A 120 24.58 3.16 -3.36
CA GLU A 120 25.63 2.20 -3.11
C GLU A 120 26.15 2.20 -1.67
N TYR A 121 26.05 1.05 -1.01
CA TYR A 121 26.51 0.91 0.37
C TYR A 121 27.95 0.38 0.41
N HIS A 122 28.78 1.03 1.21
CA HIS A 122 30.18 0.66 1.37
C HIS A 122 30.43 0.49 2.86
N LEU A 123 30.43 -0.76 3.33
CA LEU A 123 30.68 -1.04 4.74
C LEU A 123 31.98 -1.79 4.95
N GLU A 124 32.65 -1.48 6.04
CA GLU A 124 33.90 -2.15 6.37
C GLU A 124 33.88 -2.52 7.87
N VAL A 125 34.49 -3.65 8.18
CA VAL A 125 34.54 -4.16 9.54
C VAL A 125 35.59 -3.46 10.40
N LEU A 126 35.13 -2.75 11.42
CA LEU A 126 36.02 -2.03 12.30
C LEU A 126 36.45 -2.91 13.47
N LYS A 127 35.56 -3.79 13.90
CA LYS A 127 35.84 -4.70 15.00
C LYS A 127 34.78 -5.81 15.11
N HIS A 128 35.22 -7.03 15.35
CA HIS A 128 34.27 -8.13 15.46
C HIS A 128 34.79 -9.22 16.40
N LYS A 129 33.93 -9.65 17.30
CA LYS A 129 34.26 -10.69 18.26
C LYS A 129 32.97 -11.47 18.50
N GLY A 130 32.90 -12.66 17.92
CA GLY A 130 31.71 -13.46 18.09
C GLY A 130 30.49 -12.88 17.40
N MET A 131 29.46 -12.59 18.18
CA MET A 131 28.21 -12.07 17.64
C MET A 131 28.13 -10.55 17.58
N ILE A 132 29.16 -9.87 18.09
CA ILE A 132 29.19 -8.41 18.09
C ILE A 132 30.04 -7.89 16.95
N TRP A 133 29.44 -7.03 16.11
CA TRP A 133 30.12 -6.46 14.96
C TRP A 133 29.99 -4.94 14.86
N GLN A 134 31.13 -4.28 14.67
CA GLN A 134 31.17 -2.83 14.51
C GLN A 134 31.59 -2.56 13.09
N VAL A 135 30.71 -1.94 12.33
CA VAL A 135 31.02 -1.62 10.94
C VAL A 135 30.87 -0.11 10.72
N GLY A 136 31.58 0.38 9.72
CA GLY A 136 31.52 1.79 9.41
C GLY A 136 31.71 1.92 7.92
N GLY A 137 31.21 3.01 7.36
CA GLY A 137 31.36 3.19 5.94
C GLY A 137 30.55 4.36 5.40
N THR A 138 30.17 4.25 4.13
CA THR A 138 29.44 5.31 3.48
C THR A 138 28.39 4.79 2.51
N ALA A 139 27.54 5.71 2.07
CA ALA A 139 26.50 5.43 1.08
C ALA A 139 26.96 6.34 -0.05
N GLN A 140 27.00 5.83 -1.27
CA GLN A 140 27.46 6.62 -2.39
C GLN A 140 26.54 6.59 -3.61
N VAL A 141 26.52 7.70 -4.33
CA VAL A 141 25.74 7.83 -5.55
C VAL A 141 26.71 8.33 -6.61
N ASP A 142 26.89 7.52 -7.65
CA ASP A 142 27.82 7.84 -8.73
C ASP A 142 29.15 8.38 -8.20
N GLY A 143 29.79 7.62 -7.33
CA GLY A 143 31.07 8.01 -6.79
C GLY A 143 31.12 9.03 -5.66
N LYS A 144 30.01 9.72 -5.40
CA LYS A 144 30.00 10.73 -4.34
C LYS A 144 29.38 10.23 -3.03
N VAL A 145 29.99 10.64 -1.93
CA VAL A 145 29.52 10.26 -0.61
C VAL A 145 28.27 11.05 -0.27
N VAL A 146 27.12 10.38 -0.18
CA VAL A 146 25.87 11.04 0.15
C VAL A 146 25.61 10.92 1.65
N ALA A 147 26.28 9.96 2.28
CA ALA A 147 26.13 9.74 3.72
C ALA A 147 27.28 8.91 4.28
N GLU A 148 27.48 9.02 5.60
CA GLU A 148 28.51 8.28 6.33
C GLU A 148 27.87 7.82 7.63
N ALA A 149 28.32 6.69 8.16
CA ALA A 149 27.76 6.18 9.41
C ALA A 149 28.57 5.05 10.02
N GLU A 150 28.40 4.89 11.33
CA GLU A 150 29.05 3.82 12.08
C GLU A 150 27.99 3.21 12.94
N LEU A 151 28.03 1.89 13.08
CA LEU A 151 27.07 1.21 13.92
C LEU A 151 27.61 -0.12 14.42
N LYS A 152 27.12 -0.52 15.58
CA LYS A 152 27.50 -1.78 16.18
C LYS A 152 26.23 -2.61 16.22
N ALA A 153 26.31 -3.84 15.74
CA ALA A 153 25.13 -4.69 15.73
C ALA A 153 25.41 -5.98 16.47
N MET A 154 24.35 -6.72 16.75
CA MET A 154 24.46 -7.98 17.45
C MET A 154 23.75 -9.06 16.63
N ILE A 155 24.35 -10.24 16.55
CA ILE A 155 23.75 -11.36 15.83
C ILE A 155 23.05 -12.13 16.94
N ALA A 156 21.73 -12.02 16.99
CA ALA A 156 20.96 -12.70 18.04
C ALA A 156 20.06 -13.82 17.56
N GLU A 157 19.55 -14.60 18.51
CA GLU A 157 18.64 -15.70 18.21
C GLU A 157 17.31 -15.14 17.76
N ARG A 158 16.68 -15.77 16.79
CA ARG A 158 15.38 -15.32 16.31
C ARG A 158 14.27 -15.94 17.15
N GLU A 159 14.21 -17.27 17.11
CA GLU A 159 13.20 -18.05 17.84
C GLU A 159 11.78 -17.79 17.36
N SER B 10 0.47 24.49 24.05
CA SER B 10 1.48 23.46 24.46
C SER B 10 1.07 22.04 24.08
N GLN B 11 -0.21 21.80 23.80
CA GLN B 11 -0.65 20.48 23.36
C GLN B 11 -1.20 20.62 21.95
N PHE B 12 -0.51 19.99 20.99
CA PHE B 12 -0.92 20.04 19.59
C PHE B 12 -1.38 18.65 19.15
N PHE B 13 -2.42 18.60 18.33
CA PHE B 13 -2.90 17.31 17.85
C PHE B 13 -2.51 17.09 16.40
N ILE B 14 -2.77 15.89 15.90
CA ILE B 14 -2.40 15.54 14.53
C ILE B 14 -2.70 16.64 13.50
N GLU B 15 -3.88 17.26 13.59
CA GLU B 15 -4.24 18.31 12.64
C GLU B 15 -3.24 19.46 12.64
N HIS B 16 -2.79 19.85 13.83
CA HIS B 16 -1.83 20.93 13.94
C HIS B 16 -0.49 20.49 13.38
N ILE B 17 -0.12 19.26 13.68
CA ILE B 17 1.14 18.70 13.22
C ILE B 17 1.20 18.73 11.70
N LEU B 18 0.11 18.31 11.05
CA LEU B 18 0.02 18.29 9.59
C LEU B 18 0.24 19.68 8.96
N GLN B 19 -0.04 20.74 9.72
CA GLN B 19 0.14 22.09 9.22
C GLN B 19 1.59 22.59 9.35
N ILE B 20 2.37 21.97 10.22
CA ILE B 20 3.75 22.40 10.41
C ILE B 20 4.75 21.51 9.67
N LEU B 21 4.63 20.20 9.85
CA LEU B 21 5.54 19.27 9.17
C LEU B 21 5.08 18.93 7.76
N PRO B 22 6.04 18.83 6.81
CA PRO B 22 5.71 18.50 5.43
C PRO B 22 5.53 16.99 5.25
N HIS B 23 5.95 16.22 6.25
CA HIS B 23 5.83 14.76 6.22
C HIS B 23 4.39 14.29 6.11
N ARG B 24 4.17 13.31 5.24
CA ARG B 24 2.85 12.73 5.06
C ARG B 24 3.00 11.21 5.12
N TYR B 25 1.89 10.49 5.05
CA TYR B 25 1.92 9.04 5.09
C TYR B 25 2.79 8.52 3.95
N PRO B 26 3.60 7.48 4.22
CA PRO B 26 3.74 6.79 5.51
C PRO B 26 5.02 7.20 6.23
N MET B 27 5.33 8.50 6.23
CA MET B 27 6.53 8.99 6.89
C MET B 27 6.33 10.10 7.95
N LEU B 28 5.09 10.33 8.35
CA LEU B 28 4.81 11.31 9.41
C LEU B 28 4.71 10.44 10.65
N LEU B 29 5.75 10.47 11.46
CA LEU B 29 5.80 9.60 12.63
C LEU B 29 5.59 10.24 14.00
N VAL B 30 4.77 11.28 14.04
CA VAL B 30 4.45 11.95 15.30
C VAL B 30 2.94 12.12 15.34
N ASP B 31 2.29 11.54 16.35
CA ASP B 31 0.83 11.65 16.46
C ASP B 31 0.28 12.77 17.33
N ARG B 32 1.02 13.18 18.34
CA ARG B 32 0.53 14.22 19.23
C ARG B 32 1.65 14.85 20.04
N ILE B 33 1.56 16.16 20.27
CA ILE B 33 2.53 16.89 21.06
C ILE B 33 1.91 17.13 22.45
N THR B 34 2.56 16.69 23.52
CA THR B 34 2.00 16.89 24.86
C THR B 34 2.68 18.01 25.64
N GLU B 35 3.89 18.38 25.22
CA GLU B 35 4.62 19.43 25.91
C GLU B 35 5.58 20.16 24.98
N LEU B 36 5.68 21.48 25.13
CA LEU B 36 6.60 22.25 24.31
C LEU B 36 6.99 23.56 25.01
N GLN B 37 8.29 23.70 25.29
CA GLN B 37 8.82 24.90 25.93
C GLN B 37 9.79 25.47 24.91
N ALA B 38 9.48 26.65 24.38
CA ALA B 38 10.33 27.28 23.37
C ALA B 38 11.81 27.33 23.73
N ASN B 39 12.64 26.91 22.77
CA ASN B 39 14.10 26.88 22.92
C ASN B 39 14.58 25.89 23.97
N GLN B 40 13.66 25.15 24.58
CA GLN B 40 14.04 24.22 25.64
C GLN B 40 13.75 22.75 25.41
N LYS B 41 12.48 22.38 25.42
CA LYS B 41 12.17 20.98 25.24
C LYS B 41 10.81 20.67 24.67
N ILE B 42 10.62 19.41 24.28
CA ILE B 42 9.37 18.95 23.74
C ILE B 42 9.17 17.50 24.13
N VAL B 43 7.92 17.14 24.38
CA VAL B 43 7.55 15.77 24.69
C VAL B 43 6.42 15.49 23.69
N ALA B 44 6.56 14.41 22.94
CA ALA B 44 5.54 14.05 21.95
C ALA B 44 5.54 12.54 21.82
N TYR B 45 4.56 12.02 21.09
CA TYR B 45 4.50 10.58 20.92
C TYR B 45 3.83 10.11 19.65
N LYS B 46 4.04 8.83 19.37
CA LYS B 46 3.47 8.16 18.21
C LYS B 46 2.96 6.82 18.72
N ASN B 47 1.71 6.50 18.44
CA ASN B 47 1.18 5.21 18.86
C ASN B 47 1.67 4.14 17.88
N ILE B 48 2.02 2.98 18.41
CA ILE B 48 2.48 1.88 17.56
C ILE B 48 1.37 0.84 17.55
N THR B 49 0.91 0.50 16.36
CA THR B 49 -0.17 -0.47 16.19
C THR B 49 0.27 -1.49 15.14
N PHE B 50 -0.34 -2.67 15.16
CA PHE B 50 0.00 -3.70 14.18
C PHE B 50 -0.44 -3.28 12.78
N ASN B 51 -1.45 -2.41 12.72
CA ASN B 51 -2.02 -1.94 11.46
C ASN B 51 -1.13 -0.97 10.69
N GLU B 52 0.17 -1.17 10.76
CA GLU B 52 1.10 -0.31 10.05
C GLU B 52 1.81 -1.14 8.99
N ASP B 53 1.88 -0.60 7.78
CA ASP B 53 2.50 -1.29 6.65
C ASP B 53 3.91 -1.80 6.95
N VAL B 54 4.71 -0.99 7.64
CA VAL B 54 6.08 -1.36 7.99
C VAL B 54 6.21 -2.74 8.64
N PHE B 55 5.20 -3.15 9.39
CA PHE B 55 5.27 -4.43 10.08
C PHE B 55 5.17 -5.65 9.16
N ASN B 56 4.78 -5.45 7.91
CA ASN B 56 4.71 -6.56 6.97
C ASN B 56 6.12 -7.11 6.72
N GLY B 57 7.12 -6.24 6.81
CA GLY B 57 8.48 -6.70 6.57
C GLY B 57 9.47 -6.53 7.71
N HIS B 58 9.00 -6.12 8.88
CA HIS B 58 9.93 -5.91 9.97
C HIS B 58 9.35 -6.34 11.32
N PHE B 59 9.19 -7.64 11.52
CA PHE B 59 9.53 -8.65 10.52
C PHE B 59 8.34 -9.62 10.43
N PRO B 60 8.30 -10.44 9.37
CA PRO B 60 7.19 -11.40 9.24
C PRO B 60 7.13 -12.29 10.48
N ASN B 61 5.96 -12.40 11.10
CA ASN B 61 5.78 -13.24 12.30
C ASN B 61 6.49 -12.73 13.56
N LYS B 62 6.93 -11.47 13.55
CA LYS B 62 7.60 -10.87 14.71
C LYS B 62 7.71 -9.35 14.49
N PRO B 63 6.62 -8.61 14.79
CA PRO B 63 6.55 -7.14 14.63
C PRO B 63 7.41 -6.30 15.58
N ILE B 64 8.35 -5.57 14.98
CA ILE B 64 9.26 -4.72 15.73
C ILE B 64 9.42 -3.39 15.01
N PHE B 65 8.99 -2.30 15.65
CA PHE B 65 9.11 -0.98 15.06
C PHE B 65 10.60 -0.73 14.81
N PRO B 66 10.99 -0.39 13.57
CA PRO B 66 12.39 -0.14 13.25
C PRO B 66 13.09 0.91 14.11
N GLY B 67 14.28 0.58 14.58
CA GLY B 67 15.03 1.52 15.39
C GLY B 67 15.30 2.83 14.66
N VAL B 68 15.54 2.74 13.35
CA VAL B 68 15.82 3.94 12.57
C VAL B 68 14.56 4.82 12.52
N LEU B 69 13.39 4.20 12.57
CA LEU B 69 12.16 4.98 12.53
C LEU B 69 11.89 5.63 13.87
N ILE B 70 12.47 5.09 14.95
CA ILE B 70 12.31 5.70 16.26
C ILE B 70 13.12 6.99 16.21
N VAL B 71 14.30 6.92 15.59
CA VAL B 71 15.17 8.07 15.43
C VAL B 71 14.53 9.13 14.54
N GLU B 72 13.90 8.68 13.46
CA GLU B 72 13.22 9.60 12.54
C GLU B 72 12.12 10.32 13.31
N GLY B 73 11.48 9.58 14.21
CA GLY B 73 10.42 10.13 15.02
C GLY B 73 10.94 11.20 15.96
N MET B 74 12.13 10.99 16.50
CA MET B 74 12.75 11.96 17.40
C MET B 74 13.17 13.22 16.63
N ALA B 75 13.62 13.01 15.39
CA ALA B 75 14.02 14.13 14.53
C ALA B 75 12.83 15.01 14.22
N GLN B 76 11.73 14.40 13.80
CA GLN B 76 10.53 15.15 13.49
C GLN B 76 10.08 15.95 14.71
N SER B 77 10.19 15.36 15.89
CA SER B 77 9.81 16.06 17.11
C SER B 77 10.76 17.24 17.35
N GLY B 78 12.05 16.99 17.12
CA GLY B 78 13.05 18.02 17.31
C GLY B 78 12.85 19.17 16.35
N GLY B 79 12.58 18.84 15.09
CA GLY B 79 12.35 19.85 14.08
C GLY B 79 11.11 20.67 14.40
N PHE B 80 10.09 20.01 14.96
CA PHE B 80 8.88 20.73 15.31
C PHE B 80 9.22 21.72 16.43
N LEU B 81 10.05 21.26 17.37
CA LEU B 81 10.50 22.07 18.49
C LEU B 81 11.25 23.30 17.98
N ALA B 82 12.25 23.06 17.13
CA ALA B 82 13.06 24.14 16.57
C ALA B 82 12.23 25.15 15.80
N PHE B 83 11.33 24.65 14.95
CA PHE B 83 10.51 25.54 14.16
C PHE B 83 9.58 26.40 14.99
N THR B 84 8.77 25.77 15.83
CA THR B 84 7.82 26.53 16.63
C THR B 84 8.52 27.49 17.57
N SER B 85 9.70 27.13 18.06
CA SER B 85 10.43 28.01 18.96
C SER B 85 10.71 29.37 18.32
N LEU B 86 11.04 29.35 17.03
CA LEU B 86 11.36 30.55 16.29
C LEU B 86 10.15 31.29 15.69
N TRP B 87 9.20 30.53 15.15
CA TRP B 87 8.04 31.11 14.50
C TRP B 87 6.68 30.76 15.09
N GLY B 88 6.67 29.91 16.11
CA GLY B 88 5.41 29.53 16.74
C GLY B 88 4.54 28.70 15.79
N PHE B 89 3.25 28.60 16.09
CA PHE B 89 2.35 27.84 15.23
C PHE B 89 1.97 28.70 14.03
N ASP B 90 2.83 28.69 13.02
CA ASP B 90 2.61 29.49 11.83
C ASP B 90 2.61 28.61 10.56
N PRO B 91 1.43 28.15 10.14
CA PRO B 91 1.32 27.32 8.94
C PRO B 91 1.91 27.99 7.70
N GLU B 92 1.54 29.25 7.47
CA GLU B 92 2.03 29.99 6.31
C GLU B 92 3.54 30.01 6.22
N ILE B 93 4.21 30.39 7.30
CA ILE B 93 5.67 30.41 7.27
C ILE B 93 6.20 28.98 7.15
N ALA B 94 5.54 28.04 7.81
CA ALA B 94 5.96 26.65 7.78
C ALA B 94 6.18 26.16 6.35
N LYS B 95 5.34 26.61 5.43
CA LYS B 95 5.47 26.19 4.04
C LYS B 95 6.69 26.78 3.34
N THR B 96 7.30 27.81 3.93
CA THR B 96 8.46 28.44 3.30
C THR B 96 9.78 27.97 3.90
N LYS B 97 9.73 27.10 4.90
CA LYS B 97 10.95 26.60 5.54
C LYS B 97 11.04 25.09 5.54
N ILE B 98 12.25 24.57 5.51
CA ILE B 98 12.47 23.13 5.56
C ILE B 98 13.56 22.80 6.59
N VAL B 99 13.31 21.75 7.37
CA VAL B 99 14.25 21.33 8.39
C VAL B 99 14.79 19.95 8.04
N TYR B 100 16.02 19.89 7.53
CA TYR B 100 16.63 18.60 7.22
C TYR B 100 17.75 18.35 8.22
N PHE B 101 18.05 17.07 8.47
CA PHE B 101 19.10 16.75 9.42
C PHE B 101 20.48 16.56 8.83
N MET B 102 21.46 17.18 9.48
CA MET B 102 22.83 17.10 9.03
C MET B 102 23.53 15.90 9.65
N THR B 103 23.39 15.76 10.96
CA THR B 103 24.02 14.66 11.66
C THR B 103 23.09 14.01 12.68
N ILE B 104 23.54 12.87 13.17
CA ILE B 104 22.87 12.06 14.18
C ILE B 104 24.02 11.38 14.90
N ASP B 105 23.99 11.37 16.21
CA ASP B 105 25.08 10.75 16.97
C ASP B 105 24.57 10.19 18.29
N LYS B 106 25.40 9.35 18.90
CA LYS B 106 25.09 8.74 20.19
C LYS B 106 23.78 7.98 20.24
N VAL B 107 23.45 7.23 19.20
CA VAL B 107 22.21 6.48 19.21
C VAL B 107 22.39 5.14 19.91
N LYS B 108 21.49 4.83 20.83
CA LYS B 108 21.52 3.58 21.57
C LYS B 108 20.11 3.00 21.65
N PHE B 109 19.96 1.72 21.33
CA PHE B 109 18.65 1.06 21.43
C PHE B 109 18.75 0.08 22.59
N ARG B 110 17.85 0.22 23.55
CA ARG B 110 17.87 -0.65 24.72
C ARG B 110 16.73 -1.65 24.76
N ILE B 111 15.56 -1.23 24.31
CA ILE B 111 14.38 -2.09 24.33
C ILE B 111 13.60 -2.06 23.02
N PRO B 112 13.12 -3.22 22.57
CA PRO B 112 12.36 -3.25 21.31
C PRO B 112 10.99 -2.58 21.51
N VAL B 113 10.50 -1.92 20.47
CA VAL B 113 9.20 -1.26 20.52
C VAL B 113 8.27 -2.13 19.67
N THR B 114 7.08 -2.45 20.19
CA THR B 114 6.14 -3.30 19.47
C THR B 114 4.72 -2.77 19.46
N PRO B 115 3.83 -3.38 18.65
CA PRO B 115 2.44 -2.93 18.59
C PRO B 115 1.85 -2.92 19.99
N GLY B 116 1.20 -1.81 20.36
CA GLY B 116 0.61 -1.68 21.67
C GLY B 116 1.32 -0.63 22.48
N ASP B 117 2.55 -0.33 22.08
CA ASP B 117 3.35 0.66 22.78
C ASP B 117 3.01 2.08 22.36
N ARG B 118 3.13 2.99 23.32
CA ARG B 118 2.93 4.40 23.08
C ARG B 118 4.38 4.90 23.07
N LEU B 119 4.93 5.16 21.89
CA LEU B 119 6.31 5.61 21.76
C LEU B 119 6.42 7.12 22.02
N GLU B 120 6.97 7.45 23.18
CA GLU B 120 7.11 8.83 23.63
C GLU B 120 8.49 9.44 23.34
N TYR B 121 8.50 10.58 22.65
CA TYR B 121 9.75 11.26 22.32
C TYR B 121 10.04 12.41 23.28
N HIS B 122 11.27 12.44 23.80
CA HIS B 122 11.70 13.48 24.73
C HIS B 122 12.98 14.14 24.18
N LEU B 123 12.85 15.35 23.66
CA LEU B 123 13.99 16.06 23.10
C LEU B 123 14.16 17.41 23.78
N GLU B 124 15.42 17.77 24.05
CA GLU B 124 15.73 19.06 24.64
C GLU B 124 16.74 19.73 23.73
N VAL B 125 16.72 21.05 23.67
CA VAL B 125 17.66 21.79 22.84
C VAL B 125 19.02 21.78 23.54
N LEU B 126 20.01 21.09 22.96
CA LEU B 126 21.35 21.05 23.56
C LEU B 126 21.99 22.40 23.31
N LYS B 127 21.87 22.88 22.07
CA LYS B 127 22.40 24.18 21.71
C LYS B 127 21.88 24.59 20.35
N HIS B 128 21.89 25.89 20.10
CA HIS B 128 21.43 26.43 18.83
C HIS B 128 22.16 27.73 18.55
N LYS B 129 22.45 27.94 17.27
CA LYS B 129 23.14 29.14 16.82
C LYS B 129 22.57 29.40 15.43
N GLY B 130 21.83 30.50 15.29
CA GLY B 130 21.25 30.80 14.00
C GLY B 130 20.25 29.74 13.61
N MET B 131 20.42 29.15 12.44
CA MET B 131 19.49 28.13 11.98
C MET B 131 19.99 26.71 12.27
N ILE B 132 21.13 26.60 12.96
CA ILE B 132 21.69 25.31 13.30
C ILE B 132 21.24 24.94 14.71
N TRP B 133 20.41 23.92 14.81
CA TRP B 133 19.90 23.49 16.11
C TRP B 133 20.33 22.08 16.48
N GLN B 134 20.79 21.90 17.71
CA GLN B 134 21.20 20.60 18.19
C GLN B 134 20.28 20.14 19.32
N VAL B 135 19.53 19.08 19.06
CA VAL B 135 18.61 18.54 20.05
C VAL B 135 19.05 17.14 20.46
N GLY B 136 18.59 16.69 21.61
CA GLY B 136 18.96 15.38 22.08
C GLY B 136 17.98 14.89 23.13
N GLY B 137 17.95 13.59 23.36
CA GLY B 137 17.04 13.05 24.34
C GLY B 137 16.83 11.57 24.21
N THR B 138 15.63 11.12 24.58
CA THR B 138 15.31 9.71 24.53
C THR B 138 13.94 9.37 23.96
N ALA B 139 13.77 8.09 23.67
CA ALA B 139 12.50 7.56 23.19
C ALA B 139 12.07 6.70 24.39
N GLN B 140 10.84 6.92 24.86
CA GLN B 140 10.35 6.20 26.04
C GLN B 140 9.03 5.47 25.85
N VAL B 141 8.94 4.31 26.46
CA VAL B 141 7.74 3.51 26.41
C VAL B 141 7.39 3.16 27.85
N ASP B 142 6.28 3.71 28.33
CA ASP B 142 5.84 3.40 29.67
C ASP B 142 6.91 3.71 30.74
N GLY B 143 7.52 4.89 30.66
CA GLY B 143 8.53 5.27 31.63
C GLY B 143 9.95 4.74 31.46
N LYS B 144 10.17 3.78 30.56
CA LYS B 144 11.50 3.24 30.36
C LYS B 144 12.15 3.79 29.09
N VAL B 145 13.46 4.01 29.14
CA VAL B 145 14.16 4.51 27.98
C VAL B 145 14.36 3.35 27.01
N VAL B 146 13.81 3.48 25.81
CA VAL B 146 13.95 2.42 24.82
C VAL B 146 15.03 2.78 23.81
N ALA B 147 15.33 4.08 23.72
CA ALA B 147 16.35 4.56 22.81
C ALA B 147 16.85 5.94 23.25
N GLU B 148 17.95 6.37 22.66
CA GLU B 148 18.49 7.69 22.94
C GLU B 148 19.30 8.12 21.73
N ALA B 149 19.34 9.42 21.48
CA ALA B 149 20.07 9.93 20.33
C ALA B 149 20.25 11.43 20.38
N GLU B 150 21.21 11.90 19.60
CA GLU B 150 21.50 13.32 19.48
C GLU B 150 21.44 13.65 18.00
N LEU B 151 20.84 14.78 17.66
CA LEU B 151 20.71 15.16 16.27
C LEU B 151 21.00 16.63 16.05
N LYS B 152 21.54 16.95 14.88
CA LYS B 152 21.82 18.35 14.53
C LYS B 152 21.01 18.65 13.28
N ALA B 153 20.23 19.71 13.33
CA ALA B 153 19.40 20.06 12.20
C ALA B 153 19.71 21.46 11.73
N MET B 154 19.33 21.76 10.49
CA MET B 154 19.52 23.08 9.94
C MET B 154 18.20 23.52 9.33
N ILE B 155 17.74 24.70 9.70
CA ILE B 155 16.50 25.25 9.18
C ILE B 155 16.83 26.10 7.96
N ALA B 156 16.19 25.81 6.83
CA ALA B 156 16.46 26.56 5.62
C ALA B 156 15.21 26.97 4.85
N GLU B 157 15.39 27.85 3.88
CA GLU B 157 14.27 28.31 3.07
C GLU B 157 13.88 27.22 2.08
N ARG B 158 12.59 26.89 2.03
CA ARG B 158 12.13 25.87 1.10
C ARG B 158 12.58 26.30 -0.29
N GLU B 159 12.74 25.32 -1.18
CA GLU B 159 13.17 25.51 -2.57
C GLU B 159 14.67 25.24 -2.71
N GLN C 9 -13.44 -29.12 -14.29
CA GLN C 9 -14.60 -28.21 -13.96
C GLN C 9 -14.80 -27.25 -15.13
N SER C 10 -15.78 -26.35 -14.99
CA SER C 10 -16.06 -25.34 -16.02
C SER C 10 -16.11 -23.94 -15.39
N GLN C 11 -16.46 -23.87 -14.11
CA GLN C 11 -16.53 -22.59 -13.40
C GLN C 11 -15.60 -22.60 -12.19
N PHE C 12 -14.57 -21.75 -12.21
CA PHE C 12 -13.63 -21.68 -11.10
C PHE C 12 -13.69 -20.31 -10.44
N PHE C 13 -13.73 -20.31 -9.11
CA PHE C 13 -13.77 -19.06 -8.37
C PHE C 13 -12.37 -18.66 -7.88
N ILE C 14 -12.29 -17.53 -7.19
CA ILE C 14 -11.00 -17.03 -6.72
C ILE C 14 -10.17 -18.06 -5.96
N GLU C 15 -10.80 -18.87 -5.10
CA GLU C 15 -10.05 -19.88 -4.35
C GLU C 15 -9.35 -20.85 -5.30
N HIS C 16 -10.00 -21.19 -6.41
CA HIS C 16 -9.40 -22.12 -7.38
C HIS C 16 -8.31 -21.43 -8.19
N ILE C 17 -8.58 -20.19 -8.62
CA ILE C 17 -7.62 -19.42 -9.40
C ILE C 17 -6.33 -19.30 -8.61
N LEU C 18 -6.45 -19.05 -7.31
CA LEU C 18 -5.29 -18.91 -6.44
C LEU C 18 -4.41 -20.16 -6.37
N GLN C 19 -5.01 -21.34 -6.57
CA GLN C 19 -4.25 -22.57 -6.50
C GLN C 19 -3.57 -22.95 -7.82
N ILE C 20 -3.92 -22.27 -8.91
CA ILE C 20 -3.30 -22.59 -10.18
C ILE C 20 -2.28 -21.55 -10.65
N LEU C 21 -2.61 -20.27 -10.50
CA LEU C 21 -1.70 -19.20 -10.89
C LEU C 21 -0.84 -18.80 -9.70
N PRO C 22 0.44 -18.47 -9.95
CA PRO C 22 1.36 -18.06 -8.88
C PRO C 22 1.14 -16.58 -8.53
N HIS C 23 0.49 -15.86 -9.44
CA HIS C 23 0.21 -14.44 -9.25
C HIS C 23 -0.52 -14.13 -7.95
N ARG C 24 -0.12 -13.05 -7.30
CA ARG C 24 -0.75 -12.63 -6.06
C ARG C 24 -0.96 -11.11 -6.09
N TYR C 25 -1.59 -10.56 -5.07
CA TYR C 25 -1.83 -9.12 -4.99
C TYR C 25 -0.48 -8.38 -5.03
N PRO C 26 -0.40 -7.28 -5.79
CA PRO C 26 -1.45 -6.66 -6.61
C PRO C 26 -1.33 -7.00 -8.11
N MET C 27 -1.00 -8.25 -8.42
CA MET C 27 -0.86 -8.66 -9.81
C MET C 27 -1.72 -9.85 -10.26
N LEU C 28 -2.67 -10.26 -9.43
CA LEU C 28 -3.58 -11.34 -9.80
C LEU C 28 -4.81 -10.61 -10.36
N LEU C 29 -4.93 -10.60 -11.68
CA LEU C 29 -6.02 -9.86 -12.32
C LEU C 29 -7.14 -10.67 -12.94
N VAL C 30 -7.52 -11.77 -12.29
CA VAL C 30 -8.61 -12.60 -12.75
C VAL C 30 -9.36 -13.05 -11.50
N ASP C 31 -10.61 -12.62 -11.38
CA ASP C 31 -11.41 -12.94 -10.21
C ASP C 31 -12.26 -14.20 -10.30
N ARG C 32 -12.64 -14.59 -11.51
CA ARG C 32 -13.48 -15.76 -11.67
C ARG C 32 -13.49 -16.26 -13.12
N ILE C 33 -13.58 -17.58 -13.30
CA ILE C 33 -13.62 -18.18 -14.63
C ILE C 33 -15.07 -18.66 -14.84
N THR C 34 -15.71 -18.22 -15.91
CA THR C 34 -17.10 -18.62 -16.15
C THR C 34 -17.27 -19.71 -17.23
N GLU C 35 -16.30 -19.84 -18.13
CA GLU C 35 -16.33 -20.84 -19.19
C GLU C 35 -14.92 -21.36 -19.48
N LEU C 36 -14.79 -22.66 -19.67
CA LEU C 36 -13.50 -23.26 -19.97
C LEU C 36 -13.63 -24.54 -20.76
N GLN C 37 -13.10 -24.52 -21.98
CA GLN C 37 -13.12 -25.69 -22.85
C GLN C 37 -11.67 -26.04 -23.15
N ALA C 38 -11.20 -27.15 -22.60
CA ALA C 38 -9.84 -27.60 -22.80
C ALA C 38 -9.37 -27.50 -24.25
N ASN C 39 -8.22 -26.87 -24.44
CA ASN C 39 -7.58 -26.69 -25.76
C ASN C 39 -8.32 -25.78 -26.75
N GLN C 40 -9.37 -25.11 -26.31
CA GLN C 40 -10.10 -24.24 -27.23
C GLN C 40 -10.25 -22.79 -26.77
N LYS C 41 -11.00 -22.57 -25.69
CA LYS C 41 -11.23 -21.21 -25.22
C LYS C 41 -11.55 -21.07 -23.74
N ILE C 42 -11.41 -19.84 -23.25
CA ILE C 42 -11.71 -19.55 -21.85
C ILE C 42 -12.38 -18.19 -21.72
N VAL C 43 -13.40 -18.13 -20.87
CA VAL C 43 -14.09 -16.87 -20.61
C VAL C 43 -13.97 -16.66 -19.11
N ALA C 44 -13.47 -15.49 -18.74
CA ALA C 44 -13.28 -15.16 -17.35
C ALA C 44 -13.43 -13.66 -17.21
N TYR C 45 -13.28 -13.17 -15.98
CA TYR C 45 -13.39 -11.74 -15.76
C TYR C 45 -12.78 -11.25 -14.47
N LYS C 46 -12.62 -9.94 -14.39
CA LYS C 46 -12.08 -9.26 -13.25
C LYS C 46 -12.91 -8.02 -13.03
N ASN C 47 -13.42 -7.83 -11.81
CA ASN C 47 -14.17 -6.64 -11.53
C ASN C 47 -13.22 -5.44 -11.42
N ILE C 48 -13.70 -4.28 -11.83
CA ILE C 48 -12.90 -3.07 -11.76
C ILE C 48 -13.59 -2.20 -10.72
N THR C 49 -12.86 -1.88 -9.66
CA THR C 49 -13.40 -1.06 -8.58
C THR C 49 -12.44 0.07 -8.26
N PHE C 50 -12.97 1.19 -7.79
CA PHE C 50 -12.13 2.34 -7.45
C PHE C 50 -11.19 2.00 -6.31
N ASN C 51 -11.59 1.04 -5.47
CA ASN C 51 -10.80 0.63 -4.32
C ASN C 51 -9.57 -0.18 -4.67
N GLU C 52 -8.92 0.16 -5.78
CA GLU C 52 -7.71 -0.52 -6.23
C GLU C 52 -6.59 0.51 -6.19
N ASP C 53 -5.43 0.11 -5.68
CA ASP C 53 -4.27 0.98 -5.54
C ASP C 53 -3.83 1.61 -6.86
N VAL C 54 -3.94 0.86 -7.94
CA VAL C 54 -3.55 1.35 -9.26
C VAL C 54 -4.22 2.67 -9.64
N PHE C 55 -5.46 2.88 -9.19
CA PHE C 55 -6.15 4.12 -9.52
C PHE C 55 -5.61 5.37 -8.82
N ASN C 56 -4.77 5.18 -7.80
CA ASN C 56 -4.21 6.33 -7.12
C ASN C 56 -3.34 7.13 -8.08
N GLY C 57 -2.74 6.44 -9.05
CA GLY C 57 -1.89 7.13 -10.00
C GLY C 57 -2.27 7.08 -11.46
N HIS C 58 -3.35 6.39 -11.81
CA HIS C 58 -3.73 6.27 -13.20
C HIS C 58 -5.23 6.48 -13.43
N PHE C 59 -5.71 7.72 -13.39
CA PHE C 59 -4.93 8.92 -13.12
C PHE C 59 -5.70 9.69 -12.04
N PRO C 60 -5.02 10.62 -11.33
CA PRO C 60 -5.72 11.39 -10.30
C PRO C 60 -6.96 12.08 -10.89
N ASN C 61 -8.11 11.90 -10.24
CA ASN C 61 -9.39 12.48 -10.68
C ASN C 61 -9.93 11.90 -12.00
N LYS C 62 -9.23 10.92 -12.55
CA LYS C 62 -9.68 10.31 -13.80
C LYS C 62 -9.25 8.84 -13.76
N PRO C 63 -9.93 8.03 -12.93
CA PRO C 63 -9.61 6.60 -12.81
C PRO C 63 -9.86 5.84 -14.10
N ILE C 64 -8.78 5.30 -14.67
CA ILE C 64 -8.84 4.54 -15.90
C ILE C 64 -7.94 3.31 -15.77
N PHE C 65 -8.54 2.13 -15.84
CA PHE C 65 -7.78 0.90 -15.72
C PHE C 65 -6.72 0.89 -16.82
N PRO C 66 -5.44 0.71 -16.44
CA PRO C 66 -4.33 0.68 -17.40
C PRO C 66 -4.52 -0.34 -18.52
N GLY C 67 -4.33 0.10 -19.75
CA GLY C 67 -4.47 -0.78 -20.90
C GLY C 67 -3.53 -1.98 -20.83
N VAL C 68 -2.31 -1.77 -20.34
CA VAL C 68 -1.35 -2.86 -20.24
C VAL C 68 -1.81 -3.92 -19.25
N LEU C 69 -2.61 -3.52 -18.26
CA LEU C 69 -3.09 -4.49 -17.28
C LEU C 69 -4.26 -5.30 -17.84
N ILE C 70 -4.97 -4.76 -18.84
CA ILE C 70 -6.05 -5.49 -19.49
C ILE C 70 -5.38 -6.66 -20.20
N VAL C 71 -4.27 -6.35 -20.88
CA VAL C 71 -3.51 -7.36 -21.61
C VAL C 71 -2.92 -8.39 -20.64
N GLU C 72 -2.56 -7.96 -19.43
CA GLU C 72 -2.00 -8.85 -18.43
C GLU C 72 -3.07 -9.84 -17.98
N GLY C 73 -4.29 -9.33 -17.82
CA GLY C 73 -5.39 -10.18 -17.40
C GLY C 73 -5.69 -11.21 -18.47
N MET C 74 -5.63 -10.78 -19.72
CA MET C 74 -5.88 -11.69 -20.84
C MET C 74 -4.77 -12.75 -20.86
N ALA C 75 -3.54 -12.32 -20.56
CA ALA C 75 -2.41 -13.25 -20.56
C ALA C 75 -2.60 -14.26 -19.43
N GLN C 76 -3.06 -13.80 -18.29
CA GLN C 76 -3.28 -14.68 -17.17
C GLN C 76 -4.36 -15.69 -17.51
N SER C 77 -5.43 -15.22 -18.16
CA SER C 77 -6.51 -16.11 -18.56
C SER C 77 -6.02 -17.15 -19.56
N GLY C 78 -5.13 -16.74 -20.46
CA GLY C 78 -4.59 -17.68 -21.43
C GLY C 78 -3.77 -18.75 -20.73
N GLY C 79 -3.01 -18.33 -19.72
CA GLY C 79 -2.19 -19.26 -18.96
C GLY C 79 -3.01 -20.30 -18.21
N PHE C 80 -4.11 -19.86 -17.60
CA PHE C 80 -4.98 -20.77 -16.86
C PHE C 80 -5.55 -21.79 -17.85
N LEU C 81 -5.89 -21.31 -19.05
CA LEU C 81 -6.44 -22.17 -20.09
C LEU C 81 -5.40 -23.21 -20.50
N ALA C 82 -4.21 -22.72 -20.85
CA ALA C 82 -3.12 -23.60 -21.24
C ALA C 82 -2.86 -24.63 -20.16
N PHE C 83 -2.59 -24.15 -18.95
CA PHE C 83 -2.31 -25.06 -17.85
C PHE C 83 -3.39 -26.10 -17.60
N THR C 84 -4.64 -25.65 -17.45
CA THR C 84 -5.73 -26.59 -17.19
C THR C 84 -5.90 -27.57 -18.36
N SER C 85 -5.51 -27.16 -19.56
CA SER C 85 -5.61 -28.04 -20.73
C SER C 85 -4.64 -29.22 -20.61
N LEU C 86 -3.46 -28.95 -20.06
CA LEU C 86 -2.44 -29.99 -19.90
C LEU C 86 -2.64 -30.92 -18.71
N TRP C 87 -2.96 -30.35 -17.55
CA TRP C 87 -3.12 -31.13 -16.33
C TRP C 87 -4.43 -30.97 -15.58
N GLY C 88 -5.34 -30.15 -16.10
CA GLY C 88 -6.60 -29.94 -15.42
C GLY C 88 -6.40 -29.20 -14.10
N PHE C 89 -7.39 -29.23 -13.22
CA PHE C 89 -7.26 -28.54 -11.95
C PHE C 89 -6.34 -29.32 -11.00
N ASP C 90 -5.04 -29.05 -11.10
CA ASP C 90 -4.03 -29.73 -10.29
C ASP C 90 -3.12 -28.72 -9.60
N PRO C 91 -3.45 -28.34 -8.36
CA PRO C 91 -2.68 -27.37 -7.56
C PRO C 91 -1.22 -27.79 -7.36
N GLU C 92 -1.03 -29.07 -7.07
CA GLU C 92 0.29 -29.64 -6.82
C GLU C 92 1.22 -29.51 -8.03
N ILE C 93 0.71 -29.83 -9.21
CA ILE C 93 1.51 -29.73 -10.44
C ILE C 93 1.69 -28.25 -10.80
N ALA C 94 0.68 -27.43 -10.48
CA ALA C 94 0.74 -26.01 -10.78
C ALA C 94 1.96 -25.36 -10.15
N LYS C 95 2.28 -25.76 -8.92
CA LYS C 95 3.43 -25.21 -8.21
C LYS C 95 4.76 -25.49 -8.89
N THR C 96 4.77 -26.45 -9.81
CA THR C 96 6.01 -26.82 -10.48
C THR C 96 6.15 -26.30 -11.92
N LYS C 97 5.16 -25.51 -12.36
CA LYS C 97 5.18 -24.97 -13.72
C LYS C 97 5.22 -23.44 -13.74
N ILE C 98 5.61 -22.90 -14.89
CA ILE C 98 5.61 -21.46 -15.10
C ILE C 98 5.24 -21.23 -16.56
N VAL C 99 4.51 -20.16 -16.82
CA VAL C 99 4.11 -19.82 -18.17
C VAL C 99 4.81 -18.51 -18.54
N TYR C 100 5.91 -18.59 -19.27
CA TYR C 100 6.63 -17.37 -19.69
C TYR C 100 5.89 -16.78 -20.88
N PHE C 101 5.62 -15.48 -20.85
CA PHE C 101 4.97 -14.90 -22.01
C PHE C 101 6.07 -14.30 -22.87
N MET C 102 6.21 -14.83 -24.07
CA MET C 102 7.25 -14.43 -25.00
C MET C 102 6.93 -13.20 -25.83
N THR C 103 5.74 -13.16 -26.43
CA THR C 103 5.34 -12.03 -27.24
C THR C 103 3.90 -11.60 -27.03
N ILE C 104 3.61 -10.39 -27.48
CA ILE C 104 2.29 -9.80 -27.42
C ILE C 104 2.17 -9.07 -28.74
N ASP C 105 1.05 -9.20 -29.41
CA ASP C 105 0.90 -8.58 -30.73
C ASP C 105 -0.52 -8.16 -31.03
N LYS C 106 -0.68 -7.29 -32.02
CA LYS C 106 -1.97 -6.80 -32.48
C LYS C 106 -2.94 -6.38 -31.40
N VAL C 107 -2.49 -5.59 -30.43
CA VAL C 107 -3.40 -5.15 -29.40
C VAL C 107 -3.96 -3.78 -29.80
N LYS C 108 -5.26 -3.61 -29.61
CA LYS C 108 -5.92 -2.37 -29.93
C LYS C 108 -6.85 -2.05 -28.78
N PHE C 109 -6.90 -0.78 -28.38
CA PHE C 109 -7.79 -0.39 -27.29
C PHE C 109 -8.88 0.47 -27.91
N ARG C 110 -10.12 0.06 -27.74
CA ARG C 110 -11.24 0.78 -28.34
C ARG C 110 -12.05 1.63 -27.36
N ILE C 111 -12.21 1.13 -26.13
CA ILE C 111 -12.99 1.84 -25.11
C ILE C 111 -12.29 1.81 -23.75
N PRO C 112 -12.18 2.97 -23.07
CA PRO C 112 -11.52 2.99 -21.76
C PRO C 112 -12.31 2.14 -20.75
N VAL C 113 -11.60 1.55 -19.80
CA VAL C 113 -12.19 0.70 -18.75
C VAL C 113 -12.14 1.50 -17.44
N THR C 114 -13.23 1.52 -16.69
CA THR C 114 -13.28 2.30 -15.46
C THR C 114 -13.96 1.60 -14.28
N PRO C 115 -13.84 2.17 -13.07
CA PRO C 115 -14.47 1.58 -11.88
C PRO C 115 -15.95 1.32 -12.19
N GLY C 116 -16.44 0.15 -11.81
CA GLY C 116 -17.83 -0.20 -12.07
C GLY C 116 -17.97 -1.16 -13.24
N ASP C 117 -16.90 -1.30 -14.02
CA ASP C 117 -16.91 -2.20 -15.17
C ASP C 117 -16.57 -3.63 -14.79
N ARG C 118 -17.16 -4.55 -15.53
CA ARG C 118 -16.92 -5.98 -15.36
C ARG C 118 -16.08 -6.33 -16.59
N LEU C 119 -14.76 -6.35 -16.43
CA LEU C 119 -13.85 -6.65 -17.54
C LEU C 119 -13.82 -8.14 -17.80
N GLU C 120 -14.40 -8.52 -18.94
CA GLU C 120 -14.50 -9.93 -19.33
C GLU C 120 -13.47 -10.33 -20.38
N TYR C 121 -12.69 -11.37 -20.09
CA TYR C 121 -11.67 -11.82 -21.03
C TYR C 121 -12.16 -12.98 -21.88
N HIS C 122 -11.97 -12.86 -23.18
CA HIS C 122 -12.36 -13.91 -24.11
C HIS C 122 -11.12 -14.33 -24.89
N LEU C 123 -10.59 -15.49 -24.57
CA LEU C 123 -9.39 -15.99 -25.24
C LEU C 123 -9.58 -17.40 -25.80
N GLU C 124 -8.98 -17.64 -26.97
CA GLU C 124 -9.04 -18.94 -27.62
C GLU C 124 -7.62 -19.36 -28.03
N VAL C 125 -7.41 -20.67 -28.16
CA VAL C 125 -6.11 -21.17 -28.56
C VAL C 125 -5.99 -20.96 -30.07
N LEU C 126 -4.93 -20.26 -30.48
CA LEU C 126 -4.71 -20.00 -31.89
C LEU C 126 -3.78 -21.03 -32.49
N LYS C 127 -2.88 -21.55 -31.66
CA LYS C 127 -1.92 -22.54 -32.13
C LYS C 127 -1.20 -23.09 -30.91
N HIS C 128 -1.05 -24.41 -30.88
CA HIS C 128 -0.35 -25.07 -29.78
C HIS C 128 0.62 -26.08 -30.37
N LYS C 129 1.91 -25.79 -30.25
CA LYS C 129 2.94 -26.66 -30.76
C LYS C 129 4.01 -26.88 -29.69
N GLY C 130 3.95 -28.03 -29.02
CA GLY C 130 4.93 -28.33 -28.00
C GLY C 130 4.69 -27.53 -26.73
N MET C 131 5.74 -26.87 -26.26
CA MET C 131 5.64 -26.08 -25.04
C MET C 131 5.16 -24.67 -25.36
N ILE C 132 4.95 -24.39 -26.65
CA ILE C 132 4.51 -23.06 -27.08
C ILE C 132 3.01 -22.98 -27.31
N TRP C 133 2.38 -21.98 -26.71
CA TRP C 133 0.95 -21.77 -26.87
C TRP C 133 0.68 -20.37 -27.39
N GLN C 134 -0.16 -20.25 -28.41
CA GLN C 134 -0.50 -18.93 -28.94
C GLN C 134 -1.99 -18.68 -28.74
N VAL C 135 -2.30 -17.66 -27.95
CA VAL C 135 -3.69 -17.34 -27.66
C VAL C 135 -4.04 -15.93 -28.12
N GLY C 136 -5.31 -15.71 -28.41
CA GLY C 136 -5.76 -14.41 -28.85
C GLY C 136 -7.22 -14.23 -28.53
N GLY C 137 -7.68 -12.98 -28.55
CA GLY C 137 -9.07 -12.74 -28.25
C GLY C 137 -9.37 -11.30 -27.89
N THR C 138 -10.36 -11.12 -27.03
CA THR C 138 -10.76 -9.78 -26.66
C THR C 138 -11.11 -9.63 -25.18
N ALA C 139 -11.21 -8.38 -24.77
CA ALA C 139 -11.61 -8.03 -23.42
C ALA C 139 -12.92 -7.32 -23.70
N GLN C 140 -13.95 -7.62 -22.92
CA GLN C 140 -15.25 -7.01 -23.17
C GLN C 140 -15.90 -6.46 -21.92
N VAL C 141 -16.73 -5.43 -22.11
CA VAL C 141 -17.46 -4.81 -21.02
C VAL C 141 -18.90 -4.73 -21.50
N ASP C 142 -19.79 -5.43 -20.82
CA ASP C 142 -21.19 -5.43 -21.18
C ASP C 142 -21.47 -5.71 -22.67
N GLY C 143 -20.86 -6.78 -23.19
CA GLY C 143 -21.08 -7.16 -24.58
C GLY C 143 -20.25 -6.49 -25.66
N LYS C 144 -19.62 -5.36 -25.35
CA LYS C 144 -18.82 -4.66 -26.35
C LYS C 144 -17.32 -4.87 -26.19
N VAL C 145 -16.63 -5.00 -27.33
CA VAL C 145 -15.19 -5.19 -27.34
C VAL C 145 -14.49 -3.91 -26.93
N VAL C 146 -13.72 -4.01 -25.85
CA VAL C 146 -12.99 -2.89 -25.29
C VAL C 146 -11.52 -2.97 -25.64
N ALA C 147 -11.07 -4.17 -25.99
CA ALA C 147 -9.68 -4.40 -26.36
C ALA C 147 -9.50 -5.77 -26.99
N GLU C 148 -8.41 -5.93 -27.73
CA GLU C 148 -8.11 -7.20 -28.36
C GLU C 148 -6.59 -7.39 -28.34
N ALA C 149 -6.14 -8.64 -28.43
CA ALA C 149 -4.71 -8.93 -28.43
C ALA C 149 -4.39 -10.39 -28.69
N GLU C 150 -3.15 -10.61 -29.13
CA GLU C 150 -2.64 -11.95 -29.38
C GLU C 150 -1.40 -12.08 -28.51
N LEU C 151 -1.21 -13.26 -27.92
CA LEU C 151 -0.07 -13.51 -27.06
C LEU C 151 0.50 -14.90 -27.28
N LYS C 152 1.81 -15.03 -27.10
CA LYS C 152 2.46 -16.32 -27.25
C LYS C 152 3.18 -16.59 -25.95
N ALA C 153 3.00 -17.81 -25.44
CA ALA C 153 3.62 -18.21 -24.19
C ALA C 153 4.31 -19.55 -24.31
N MET C 154 5.19 -19.83 -23.35
CA MET C 154 5.91 -21.09 -23.31
C MET C 154 5.71 -21.74 -21.95
N ILE C 155 5.50 -23.05 -21.93
CA ILE C 155 5.32 -23.77 -20.68
C ILE C 155 6.70 -24.31 -20.31
N ALA C 156 7.04 -24.24 -19.03
CA ALA C 156 8.34 -24.72 -18.57
C ALA C 156 8.29 -25.04 -17.09
N GLU C 157 9.37 -25.63 -16.58
CA GLU C 157 9.47 -26.01 -15.18
C GLU C 157 9.93 -24.85 -14.28
N ARG C 158 9.27 -24.71 -13.13
CA ARG C 158 9.61 -23.65 -12.17
C ARG C 158 10.75 -24.07 -11.25
N LEU D 8 14.34 23.85 -25.06
CA LEU D 8 14.04 22.49 -24.51
C LEU D 8 15.33 21.68 -24.33
N GLN D 9 15.78 21.55 -23.09
CA GLN D 9 17.02 20.81 -22.78
C GLN D 9 16.93 19.33 -23.14
N SER D 10 17.92 18.56 -22.68
CA SER D 10 17.98 17.13 -22.96
C SER D 10 18.01 16.22 -21.74
N GLN D 11 17.99 16.77 -20.53
CA GLN D 11 17.98 15.93 -19.33
C GLN D 11 17.01 16.45 -18.27
N PHE D 12 16.10 15.58 -17.84
CA PHE D 12 15.10 15.95 -16.85
C PHE D 12 15.06 14.93 -15.73
N PHE D 13 14.94 15.43 -14.51
CA PHE D 13 14.88 14.56 -13.36
C PHE D 13 13.43 14.38 -12.90
N ILE D 14 13.23 13.56 -11.89
CA ILE D 14 11.89 13.28 -11.39
C ILE D 14 11.00 14.52 -11.16
N GLU D 15 11.57 15.61 -10.66
CA GLU D 15 10.76 16.81 -10.41
C GLU D 15 10.17 17.37 -11.71
N HIS D 16 10.90 17.16 -12.81
CA HIS D 16 10.45 17.62 -14.11
C HIS D 16 9.43 16.66 -14.71
N ILE D 17 9.64 15.37 -14.51
CA ILE D 17 8.72 14.36 -15.02
C ILE D 17 7.36 14.48 -14.36
N LEU D 18 7.36 14.80 -13.07
CA LEU D 18 6.14 15.00 -12.29
C LEU D 18 5.30 16.14 -12.88
N GLN D 19 5.98 17.20 -13.31
CA GLN D 19 5.30 18.37 -13.87
C GLN D 19 4.78 18.20 -15.30
N ILE D 20 5.18 17.12 -15.96
CA ILE D 20 4.76 16.87 -17.32
C ILE D 20 3.81 15.68 -17.46
N LEU D 21 4.24 14.51 -16.98
CA LEU D 21 3.39 13.33 -17.06
C LEU D 21 2.30 13.37 -15.99
N PRO D 22 1.11 12.88 -16.34
CA PRO D 22 0.00 12.88 -15.38
C PRO D 22 0.05 11.66 -14.47
N HIS D 23 0.87 10.67 -14.82
CA HIS D 23 0.98 9.45 -14.03
C HIS D 23 1.53 9.70 -12.63
N ARG D 24 0.94 9.02 -11.64
CA ARG D 24 1.41 9.13 -10.26
C ARG D 24 1.55 7.72 -9.69
N TYR D 25 2.05 7.64 -8.45
CA TYR D 25 2.24 6.35 -7.79
C TYR D 25 0.90 5.61 -7.72
N PRO D 26 0.88 4.31 -8.01
CA PRO D 26 2.06 3.51 -8.38
C PRO D 26 2.09 3.19 -9.88
N MET D 27 1.91 4.21 -10.71
CA MET D 27 1.92 4.02 -12.15
C MET D 27 2.83 4.97 -12.91
N LEU D 28 3.70 5.69 -12.21
CA LEU D 28 4.65 6.57 -12.87
C LEU D 28 5.91 5.71 -12.90
N LEU D 29 6.19 5.12 -14.06
CA LEU D 29 7.31 4.22 -14.21
C LEU D 29 8.53 4.72 -14.97
N VAL D 30 8.81 6.01 -14.85
CA VAL D 30 9.98 6.63 -15.48
C VAL D 30 10.58 7.54 -14.43
N ASP D 31 11.84 7.30 -14.07
CA ASP D 31 12.50 8.07 -13.03
C ASP D 31 13.37 9.23 -13.49
N ARG D 32 13.91 9.13 -14.70
CA ARG D 32 14.81 10.17 -15.19
C ARG D 32 14.94 10.09 -16.71
N ILE D 33 15.15 11.25 -17.34
CA ILE D 33 15.33 11.32 -18.79
C ILE D 33 16.81 11.62 -19.01
N THR D 34 17.48 10.87 -19.89
CA THR D 34 18.90 11.10 -20.13
C THR D 34 19.23 11.73 -21.49
N GLU D 35 18.39 11.46 -22.49
CA GLU D 35 18.61 12.00 -23.83
C GLU D 35 17.25 12.30 -24.47
N LEU D 36 17.14 13.44 -25.13
CA LEU D 36 15.88 13.80 -25.76
C LEU D 36 16.03 14.72 -26.96
N GLN D 37 15.56 14.24 -28.12
CA GLN D 37 15.58 15.01 -29.37
C GLN D 37 14.14 15.20 -29.80
N ALA D 38 13.65 16.43 -29.75
CA ALA D 38 12.26 16.71 -30.11
C ALA D 38 11.82 16.06 -31.43
N ASN D 39 10.65 15.40 -31.37
CA ASN D 39 10.05 14.74 -32.52
C ASN D 39 10.82 13.57 -33.10
N GLN D 40 11.88 13.16 -32.41
CA GLN D 40 12.69 12.06 -32.92
C GLN D 40 12.94 10.89 -31.97
N LYS D 41 13.69 11.13 -30.91
CA LYS D 41 13.99 10.06 -29.98
C LYS D 41 14.17 10.47 -28.54
N ILE D 42 14.14 9.47 -27.66
CA ILE D 42 14.32 9.70 -26.24
C ILE D 42 14.92 8.48 -25.57
N VAL D 43 15.74 8.72 -24.56
CA VAL D 43 16.35 7.65 -23.78
C VAL D 43 16.08 8.03 -22.33
N ALA D 44 15.46 7.10 -21.59
CA ALA D 44 15.11 7.35 -20.20
C ALA D 44 15.25 6.04 -19.43
N TYR D 45 15.10 6.11 -18.12
CA TYR D 45 15.19 4.89 -17.34
C TYR D 45 14.42 4.92 -16.04
N LYS D 46 14.17 3.73 -15.52
CA LYS D 46 13.47 3.55 -14.27
C LYS D 46 14.29 2.55 -13.47
N ASN D 47 14.66 2.90 -12.24
CA ASN D 47 15.41 1.96 -11.41
C ASN D 47 14.44 0.90 -10.91
N ILE D 48 14.90 -0.33 -10.85
CA ILE D 48 14.08 -1.43 -10.36
C ILE D 48 14.59 -1.81 -8.98
N THR D 49 13.73 -1.73 -7.98
CA THR D 49 14.12 -2.09 -6.63
C THR D 49 13.14 -3.10 -6.05
N PHE D 50 13.61 -3.91 -5.10
CA PHE D 50 12.74 -4.89 -4.48
C PHE D 50 11.64 -4.16 -3.70
N ASN D 51 11.94 -2.95 -3.27
CA ASN D 51 11.03 -2.15 -2.48
C ASN D 51 9.83 -1.56 -3.24
N GLU D 52 9.27 -2.34 -4.14
CA GLU D 52 8.12 -1.92 -4.91
C GLU D 52 6.97 -2.89 -4.65
N ASP D 53 5.81 -2.35 -4.32
CA ASP D 53 4.63 -3.16 -4.01
C ASP D 53 4.32 -4.24 -5.03
N VAL D 54 4.50 -3.94 -6.32
CA VAL D 54 4.23 -4.89 -7.38
C VAL D 54 4.92 -6.25 -7.19
N PHE D 55 6.09 -6.26 -6.57
CA PHE D 55 6.80 -7.52 -6.35
C PHE D 55 6.17 -8.43 -5.30
N ASN D 56 5.27 -7.88 -4.48
CA ASN D 56 4.58 -8.70 -3.49
C ASN D 56 3.77 -9.77 -4.21
N GLY D 57 3.33 -9.47 -5.43
CA GLY D 57 2.53 -10.43 -6.16
C GLY D 57 3.08 -10.92 -7.49
N HIS D 58 4.32 -10.59 -7.82
CA HIS D 58 4.88 -10.98 -9.10
C HIS D 58 6.38 -11.25 -9.07
N PHE D 59 6.82 -12.35 -8.42
CA PHE D 59 5.94 -13.30 -7.74
C PHE D 59 6.55 -13.56 -6.37
N PRO D 60 5.77 -14.16 -5.45
CA PRO D 60 6.31 -14.46 -4.12
C PRO D 60 7.62 -15.24 -4.21
N ASN D 61 8.61 -14.82 -3.45
CA ASN D 61 9.91 -15.45 -3.42
C ASN D 61 10.65 -15.42 -4.76
N LYS D 62 10.18 -14.61 -5.70
CA LYS D 62 10.82 -14.56 -7.01
C LYS D 62 10.42 -13.26 -7.75
N PRO D 63 10.99 -12.12 -7.34
CA PRO D 63 10.67 -10.84 -7.96
C PRO D 63 11.05 -10.71 -9.42
N ILE D 64 10.05 -10.46 -10.26
CA ILE D 64 10.24 -10.29 -11.70
C ILE D 64 9.40 -9.08 -12.10
N PHE D 65 10.02 -8.07 -12.70
CA PHE D 65 9.27 -6.89 -13.12
C PHE D 65 8.38 -7.30 -14.28
N PRO D 66 7.06 -7.12 -14.14
CA PRO D 66 6.07 -7.47 -15.17
C PRO D 66 6.37 -6.92 -16.56
N GLY D 67 6.35 -7.80 -17.56
CA GLY D 67 6.61 -7.39 -18.92
C GLY D 67 5.70 -6.26 -19.38
N VAL D 68 4.42 -6.33 -19.04
CA VAL D 68 3.47 -5.29 -19.44
C VAL D 68 3.81 -3.93 -18.82
N LEU D 69 4.47 -3.93 -17.68
CA LEU D 69 4.84 -2.66 -17.05
C LEU D 69 6.06 -2.07 -17.76
N ILE D 70 6.87 -2.93 -18.37
CA ILE D 70 8.03 -2.45 -19.13
C ILE D 70 7.48 -1.70 -20.35
N VAL D 71 6.40 -2.22 -20.94
CA VAL D 71 5.80 -1.57 -22.10
C VAL D 71 5.21 -0.24 -21.66
N GLU D 72 4.58 -0.23 -20.50
CA GLU D 72 3.97 0.98 -19.94
C GLU D 72 5.07 2.02 -19.77
N GLY D 73 6.21 1.58 -19.25
CA GLY D 73 7.33 2.48 -19.03
C GLY D 73 7.79 3.12 -20.32
N MET D 74 7.80 2.34 -21.41
CA MET D 74 8.23 2.84 -22.71
C MET D 74 7.21 3.83 -23.24
N ALA D 75 5.94 3.55 -22.97
CA ALA D 75 4.85 4.42 -23.39
C ALA D 75 4.98 5.77 -22.70
N GLN D 76 5.24 5.76 -21.39
CA GLN D 76 5.37 6.99 -20.63
C GLN D 76 6.54 7.82 -21.15
N SER D 77 7.62 7.14 -21.55
CA SER D 77 8.78 7.83 -22.10
C SER D 77 8.37 8.48 -23.42
N GLY D 78 7.63 7.72 -24.24
CA GLY D 78 7.17 8.24 -25.50
C GLY D 78 6.27 9.45 -25.29
N GLY D 79 5.34 9.33 -24.34
CA GLY D 79 4.43 10.43 -24.04
C GLY D 79 5.16 11.67 -23.58
N PHE D 80 6.24 11.49 -22.82
CA PHE D 80 7.02 12.63 -22.35
C PHE D 80 7.71 13.28 -23.56
N LEU D 81 8.11 12.46 -24.52
CA LEU D 81 8.76 12.97 -25.72
C LEU D 81 7.73 13.78 -26.52
N ALA D 82 6.58 13.16 -26.76
CA ALA D 82 5.49 13.77 -27.50
C ALA D 82 5.09 15.13 -26.92
N PHE D 83 4.80 15.17 -25.62
CA PHE D 83 4.38 16.42 -25.01
C PHE D 83 5.41 17.54 -25.08
N THR D 84 6.65 17.25 -24.73
CA THR D 84 7.68 18.29 -24.78
C THR D 84 7.97 18.70 -26.23
N SER D 85 7.67 17.81 -27.17
CA SER D 85 7.89 18.12 -28.59
C SER D 85 6.90 19.17 -29.08
N LEU D 86 5.67 19.06 -28.59
CA LEU D 86 4.60 19.97 -29.00
C LEU D 86 4.43 21.22 -28.15
N TRP D 87 4.77 21.14 -26.87
CA TRP D 87 4.61 22.27 -25.96
C TRP D 87 5.84 22.66 -25.16
N GLY D 88 6.92 21.90 -25.30
CA GLY D 88 8.12 22.20 -24.54
C GLY D 88 7.84 21.88 -23.09
N PHE D 89 8.69 22.34 -22.18
CA PHE D 89 8.47 22.07 -20.77
C PHE D 89 7.41 23.05 -20.27
N ASP D 90 6.14 22.69 -20.44
CA ASP D 90 5.03 23.54 -20.04
C ASP D 90 4.12 22.83 -19.03
N PRO D 91 4.42 22.95 -17.73
CA PRO D 91 3.63 22.30 -16.68
C PRO D 91 2.17 22.72 -16.70
N GLU D 92 1.92 24.00 -17.00
CA GLU D 92 0.56 24.52 -17.02
C GLU D 92 -0.34 23.84 -18.04
N ILE D 93 0.17 23.58 -19.24
CA ILE D 93 -0.64 22.94 -20.26
C ILE D 93 -0.70 21.44 -20.02
N ALA D 94 0.38 20.90 -19.46
CA ALA D 94 0.46 19.47 -19.19
C ALA D 94 -0.63 19.05 -18.22
N LYS D 95 -0.96 19.93 -17.29
CA LYS D 95 -1.97 19.64 -16.29
C LYS D 95 -3.36 19.44 -16.86
N THR D 96 -3.52 19.77 -18.14
CA THR D 96 -4.82 19.63 -18.80
C THR D 96 -4.80 18.46 -19.78
N LYS D 97 -4.02 17.41 -19.47
CA LYS D 97 -3.94 16.27 -20.39
C LYS D 97 -3.66 14.93 -19.73
N ILE D 98 -3.98 13.87 -20.47
CA ILE D 98 -3.68 12.51 -20.06
C ILE D 98 -3.24 11.83 -21.35
N VAL D 99 -2.93 10.55 -21.29
CA VAL D 99 -2.49 9.85 -22.48
C VAL D 99 -3.23 8.54 -22.57
N TYR D 100 -3.71 8.19 -23.76
CA TYR D 100 -4.42 6.92 -23.96
C TYR D 100 -3.65 6.00 -24.88
N PHE D 101 -3.46 4.77 -24.44
CA PHE D 101 -2.79 3.76 -25.25
C PHE D 101 -3.79 3.46 -26.37
N MET D 102 -3.31 3.38 -27.61
CA MET D 102 -4.20 3.07 -28.73
C MET D 102 -3.91 1.68 -29.27
N THR D 103 -2.63 1.37 -29.45
CA THR D 103 -2.23 0.06 -29.95
C THR D 103 -0.86 -0.30 -29.44
N ILE D 104 -0.56 -1.59 -29.46
CA ILE D 104 0.74 -2.10 -29.06
C ILE D 104 1.00 -3.19 -30.07
N ASP D 105 2.23 -3.24 -30.60
CA ASP D 105 2.58 -4.25 -31.60
C ASP D 105 4.02 -4.72 -31.47
N LYS D 106 4.30 -5.89 -32.04
CA LYS D 106 5.65 -6.45 -32.05
C LYS D 106 6.41 -6.42 -30.73
N VAL D 107 5.78 -6.79 -29.63
CA VAL D 107 6.52 -6.79 -28.38
C VAL D 107 7.13 -8.16 -28.11
N LYS D 108 8.40 -8.14 -27.70
CA LYS D 108 9.13 -9.36 -27.39
C LYS D 108 9.80 -9.18 -26.04
N PHE D 109 9.73 -10.22 -25.21
CA PHE D 109 10.36 -10.17 -23.90
C PHE D 109 11.52 -11.16 -23.94
N ARG D 110 12.73 -10.65 -24.16
CA ARG D 110 13.90 -11.52 -24.26
C ARG D 110 14.58 -11.88 -22.96
N ILE D 111 14.67 -10.93 -22.03
CA ILE D 111 15.34 -11.16 -20.76
C ILE D 111 14.51 -10.68 -19.56
N PRO D 112 14.38 -11.52 -18.53
CA PRO D 112 13.60 -11.08 -17.36
C PRO D 112 14.28 -9.91 -16.62
N VAL D 113 13.47 -8.99 -16.11
CA VAL D 113 13.98 -7.82 -15.39
C VAL D 113 13.76 -8.03 -13.90
N THR D 114 14.81 -7.81 -13.11
CA THR D 114 14.73 -8.03 -11.66
C THR D 114 15.29 -6.87 -10.84
N PRO D 115 15.00 -6.87 -9.53
CA PRO D 115 15.48 -5.84 -8.60
C PRO D 115 16.99 -5.66 -8.77
N GLY D 116 17.44 -4.41 -8.82
CA GLY D 116 18.85 -4.14 -8.99
C GLY D 116 19.16 -3.74 -10.43
N ASP D 117 18.19 -3.91 -11.32
CA ASP D 117 18.36 -3.55 -12.72
C ASP D 117 18.05 -2.08 -12.98
N ARG D 118 18.71 -1.54 -13.99
CA ARG D 118 18.48 -0.18 -14.44
C ARG D 118 17.77 -0.38 -15.78
N LEU D 119 16.43 -0.30 -15.77
CA LEU D 119 15.62 -0.48 -16.97
C LEU D 119 15.66 0.75 -17.86
N GLU D 120 16.48 0.67 -18.91
CA GLU D 120 16.66 1.80 -19.83
C GLU D 120 15.68 1.75 -21.01
N TYR D 121 14.97 2.85 -21.23
CA TYR D 121 13.99 2.94 -22.31
C TYR D 121 14.55 3.70 -23.53
N HIS D 122 14.55 3.04 -24.68
CA HIS D 122 15.02 3.62 -25.94
C HIS D 122 13.86 3.66 -26.93
N LEU D 123 13.41 4.86 -27.28
CA LEU D 123 12.31 4.98 -28.22
C LEU D 123 12.55 6.03 -29.27
N GLU D 124 12.08 5.74 -30.48
CA GLU D 124 12.21 6.69 -31.57
C GLU D 124 10.82 6.92 -32.12
N VAL D 125 10.61 8.09 -32.73
CA VAL D 125 9.32 8.43 -33.30
C VAL D 125 9.18 7.79 -34.68
N LEU D 126 8.21 6.90 -34.81
CA LEU D 126 7.96 6.23 -36.08
C LEU D 126 7.09 7.14 -36.93
N LYS D 127 6.04 7.67 -36.32
CA LYS D 127 5.10 8.56 -36.99
C LYS D 127 4.39 9.41 -35.97
N HIS D 128 3.96 10.59 -36.39
CA HIS D 128 3.24 11.47 -35.49
C HIS D 128 2.53 12.60 -36.23
N LYS D 129 1.29 12.87 -35.82
CA LYS D 129 0.50 13.95 -36.39
C LYS D 129 -0.48 14.35 -35.30
N GLY D 130 -0.55 15.65 -35.01
CA GLY D 130 -1.45 16.12 -33.97
C GLY D 130 -1.08 15.46 -32.64
N MET D 131 -2.09 14.98 -31.92
CA MET D 131 -1.86 14.34 -30.64
C MET D 131 -1.52 12.84 -30.77
N ILE D 132 -1.56 12.31 -31.99
CA ILE D 132 -1.30 10.88 -32.23
C ILE D 132 0.17 10.56 -32.49
N TRP D 133 0.82 9.94 -31.51
CA TRP D 133 2.23 9.58 -31.64
C TRP D 133 2.49 8.08 -31.67
N GLN D 134 3.33 7.65 -32.59
CA GLN D 134 3.68 6.24 -32.72
C GLN D 134 5.18 6.07 -32.54
N VAL D 135 5.55 5.41 -31.44
CA VAL D 135 6.95 5.17 -31.12
C VAL D 135 7.27 3.68 -31.15
N GLY D 136 8.57 3.37 -31.22
CA GLY D 136 9.00 2.00 -31.26
C GLY D 136 10.42 1.96 -30.76
N GLY D 137 10.79 0.87 -30.10
CA GLY D 137 12.15 0.78 -29.60
C GLY D 137 12.40 -0.43 -28.73
N THR D 138 13.29 -0.25 -27.77
CA THR D 138 13.66 -1.33 -26.87
C THR D 138 13.78 -0.88 -25.42
N ALA D 139 13.93 -1.87 -24.55
CA ALA D 139 14.12 -1.65 -23.12
C ALA D 139 15.45 -2.33 -22.90
N GLN D 140 16.39 -1.63 -22.28
CA GLN D 140 17.70 -2.20 -22.08
C GLN D 140 18.21 -2.20 -20.64
N VAL D 141 19.01 -3.22 -20.35
CA VAL D 141 19.63 -3.41 -19.05
C VAL D 141 21.10 -3.70 -19.33
N ASP D 142 21.98 -2.84 -18.84
CA ASP D 142 23.41 -3.00 -19.05
C ASP D 142 23.70 -3.32 -20.51
N GLY D 143 23.23 -2.46 -21.41
CA GLY D 143 23.49 -2.65 -22.84
C GLY D 143 22.83 -3.80 -23.60
N LYS D 144 22.13 -4.70 -22.92
CA LYS D 144 21.47 -5.83 -23.59
C LYS D 144 19.97 -5.60 -23.75
N VAL D 145 19.44 -5.93 -24.91
CA VAL D 145 18.02 -5.76 -25.15
C VAL D 145 17.24 -6.76 -24.33
N VAL D 146 16.38 -6.23 -23.48
CA VAL D 146 15.54 -7.01 -22.59
C VAL D 146 14.12 -7.13 -23.14
N ALA D 147 13.73 -6.16 -23.95
CA ALA D 147 12.39 -6.16 -24.51
C ALA D 147 12.31 -5.24 -25.71
N GLU D 148 11.32 -5.49 -26.57
CA GLU D 148 11.10 -4.69 -27.77
C GLU D 148 9.62 -4.42 -27.87
N ALA D 149 9.27 -3.25 -28.39
CA ALA D 149 7.86 -2.91 -28.55
C ALA D 149 7.67 -1.71 -29.46
N GLU D 150 6.44 -1.57 -29.94
CA GLU D 150 6.01 -0.45 -30.79
C GLU D 150 4.64 -0.12 -30.24
N LEU D 151 4.34 1.16 -30.10
CA LEU D 151 3.05 1.52 -29.57
C LEU D 151 2.58 2.86 -30.09
N LYS D 152 1.27 3.06 -30.08
CA LYS D 152 0.69 4.30 -30.53
C LYS D 152 -0.18 4.86 -29.42
N ALA D 153 0.07 6.12 -29.06
CA ALA D 153 -0.70 6.76 -28.00
C ALA D 153 -1.29 8.07 -28.48
N MET D 154 -2.22 8.59 -27.70
CA MET D 154 -2.87 9.85 -28.02
C MET D 154 -2.92 10.75 -26.79
N ILE D 155 -2.54 12.02 -26.97
CA ILE D 155 -2.60 12.97 -25.88
C ILE D 155 -3.98 13.60 -26.02
N ALA D 156 -4.76 13.55 -24.95
CA ALA D 156 -6.11 14.09 -25.02
C ALA D 156 -6.43 15.06 -23.90
N GLU D 157 -7.33 16.00 -24.20
CA GLU D 157 -7.77 16.97 -23.21
C GLU D 157 -8.48 16.15 -22.17
N ARG D 158 -8.08 16.25 -20.91
CA ARG D 158 -8.76 15.49 -19.88
C ARG D 158 -10.17 16.04 -19.71
N GLU D 159 -10.54 16.94 -20.61
CA GLU D 159 -11.87 17.53 -20.63
C GLU D 159 -12.28 18.15 -19.30
N LEU E 8 -31.29 17.21 -11.55
CA LEU E 8 -30.66 16.04 -10.85
C LEU E 8 -30.81 14.78 -11.67
N GLN E 9 -29.69 14.25 -12.17
CA GLN E 9 -29.70 13.03 -12.97
C GLN E 9 -30.10 11.85 -12.11
N SER E 10 -30.08 10.65 -12.69
CA SER E 10 -30.44 9.45 -11.93
C SER E 10 -29.34 8.40 -11.99
N GLN E 11 -28.31 8.66 -12.79
CA GLN E 11 -27.20 7.73 -12.91
C GLN E 11 -25.91 8.54 -12.79
N PHE E 12 -25.00 8.10 -11.93
CA PHE E 12 -23.74 8.81 -11.74
C PHE E 12 -22.58 7.84 -11.76
N PHE E 13 -21.47 8.30 -12.31
CA PHE E 13 -20.30 7.45 -12.40
C PHE E 13 -19.21 7.90 -11.40
N ILE E 14 -18.16 7.08 -11.26
CA ILE E 14 -17.09 7.34 -10.32
C ILE E 14 -16.61 8.80 -10.26
N GLU E 15 -16.59 9.48 -11.40
CA GLU E 15 -16.15 10.87 -11.43
C GLU E 15 -17.15 11.77 -10.69
N HIS E 16 -18.43 11.42 -10.78
CA HIS E 16 -19.49 12.19 -10.13
C HIS E 16 -19.48 11.91 -8.62
N ILE E 17 -19.16 10.67 -8.25
CA ILE E 17 -19.11 10.27 -6.85
C ILE E 17 -17.96 10.97 -6.14
N LEU E 18 -16.82 11.09 -6.83
CA LEU E 18 -15.64 11.75 -6.28
C LEU E 18 -15.84 13.23 -5.99
N GLN E 19 -16.76 13.87 -6.71
CA GLN E 19 -17.02 15.27 -6.51
C GLN E 19 -18.03 15.55 -5.40
N ILE E 20 -18.69 14.49 -4.94
CA ILE E 20 -19.70 14.62 -3.90
C ILE E 20 -19.26 14.06 -2.54
N LEU E 21 -18.85 12.80 -2.50
CA LEU E 21 -18.43 12.17 -1.25
C LEU E 21 -17.02 12.57 -0.88
N PRO E 22 -16.78 12.84 0.42
CA PRO E 22 -15.43 13.23 0.86
C PRO E 22 -14.49 12.03 0.96
N HIS E 23 -15.05 10.82 0.93
CA HIS E 23 -14.26 9.60 1.02
C HIS E 23 -13.28 9.41 -0.13
N ARG E 24 -12.11 8.86 0.19
CA ARG E 24 -11.08 8.59 -0.78
C ARG E 24 -10.44 7.23 -0.52
N TYR E 25 -9.57 6.77 -1.41
CA TYR E 25 -8.91 5.47 -1.25
C TYR E 25 -8.16 5.45 0.08
N PRO E 26 -8.24 4.33 0.82
CA PRO E 26 -8.97 3.09 0.55
C PRO E 26 -10.34 3.00 1.24
N MET E 27 -11.08 4.09 1.29
CA MET E 27 -12.38 4.07 1.93
C MET E 27 -13.55 4.62 1.10
N LEU E 28 -13.36 4.70 -0.22
CA LEU E 28 -14.43 5.14 -1.11
C LEU E 28 -14.96 3.83 -1.66
N LEU E 29 -16.05 3.35 -1.09
CA LEU E 29 -16.62 2.07 -1.48
C LEU E 29 -17.88 2.07 -2.35
N VAL E 30 -18.01 3.08 -3.21
CA VAL E 30 -19.14 3.14 -4.13
C VAL E 30 -18.54 3.45 -5.49
N ASP E 31 -18.77 2.56 -6.44
CA ASP E 31 -18.24 2.73 -7.79
C ASP E 31 -19.19 3.39 -8.78
N ARG E 32 -20.48 3.15 -8.62
CA ARG E 32 -21.44 3.72 -9.56
C ARG E 32 -22.84 3.78 -8.97
N ILE E 33 -23.60 4.80 -9.34
CA ILE E 33 -24.97 4.96 -8.85
C ILE E 33 -25.89 4.68 -10.04
N THR E 34 -26.77 3.69 -9.93
CA THR E 34 -27.63 3.37 -11.07
C THR E 34 -28.98 4.04 -11.10
N GLU E 35 -29.50 4.43 -9.94
CA GLU E 35 -30.78 5.12 -9.89
C GLU E 35 -30.87 5.92 -8.59
N LEU E 36 -31.40 7.12 -8.68
CA LEU E 36 -31.51 7.97 -7.51
C LEU E 36 -32.80 8.77 -7.50
N GLN E 37 -33.53 8.70 -6.39
CA GLN E 37 -34.76 9.46 -6.21
C GLN E 37 -34.54 10.34 -4.97
N ALA E 38 -34.45 11.65 -5.19
CA ALA E 38 -34.22 12.61 -4.11
C ALA E 38 -35.12 12.43 -2.88
N ASN E 39 -34.52 12.52 -1.70
CA ASN E 39 -35.24 12.39 -0.45
C ASN E 39 -36.06 11.10 -0.37
N GLN E 40 -35.69 10.08 -1.15
CA GLN E 40 -36.46 8.84 -1.15
C GLN E 40 -35.58 7.59 -1.18
N LYS E 41 -34.97 7.30 -2.32
CA LYS E 41 -34.15 6.10 -2.41
C LYS E 41 -32.94 6.26 -3.32
N ILE E 42 -32.02 5.32 -3.21
CA ILE E 42 -30.84 5.31 -4.06
C ILE E 42 -30.41 3.86 -4.24
N VAL E 43 -29.93 3.54 -5.44
CA VAL E 43 -29.45 2.21 -5.75
C VAL E 43 -28.08 2.44 -6.35
N ALA E 44 -27.08 1.74 -5.83
CA ALA E 44 -25.73 1.90 -6.32
C ALA E 44 -25.00 0.57 -6.15
N TYR E 45 -23.74 0.52 -6.58
CA TYR E 45 -22.99 -0.69 -6.43
C TYR E 45 -21.50 -0.46 -6.43
N LYS E 46 -20.78 -1.44 -5.89
CA LYS E 46 -19.33 -1.45 -5.82
C LYS E 46 -18.87 -2.81 -6.33
N ASN E 47 -17.94 -2.84 -7.27
CA ASN E 47 -17.45 -4.13 -7.73
C ASN E 47 -16.45 -4.65 -6.69
N ILE E 48 -16.45 -5.96 -6.48
CA ILE E 48 -15.53 -6.57 -5.54
C ILE E 48 -14.51 -7.38 -6.35
N THR E 49 -13.23 -7.09 -6.17
CA THR E 49 -12.19 -7.80 -6.91
C THR E 49 -11.15 -8.33 -5.94
N PHE E 50 -10.34 -9.29 -6.37
CA PHE E 50 -9.32 -9.82 -5.49
C PHE E 50 -8.24 -8.75 -5.31
N ASN E 51 -8.11 -7.88 -6.32
CA ASN E 51 -7.11 -6.82 -6.32
C ASN E 51 -7.37 -5.65 -5.35
N GLU E 52 -7.86 -5.97 -4.16
CA GLU E 52 -8.14 -4.95 -3.14
C GLU E 52 -7.31 -5.31 -1.89
N ASP E 53 -6.67 -4.31 -1.30
CA ASP E 53 -5.83 -4.49 -0.13
C ASP E 53 -6.44 -5.19 1.08
N VAL E 54 -7.72 -4.97 1.37
CA VAL E 54 -8.35 -5.63 2.52
C VAL E 54 -8.24 -7.13 2.44
N PHE E 55 -8.19 -7.67 1.22
CA PHE E 55 -8.11 -9.10 1.07
C PHE E 55 -6.82 -9.73 1.57
N ASN E 56 -5.75 -8.95 1.64
CA ASN E 56 -4.48 -9.47 2.16
C ASN E 56 -4.70 -9.94 3.59
N GLY E 57 -5.63 -9.31 4.30
CA GLY E 57 -5.86 -9.69 5.68
C GLY E 57 -7.24 -10.22 6.06
N HIS E 58 -8.12 -10.45 5.10
CA HIS E 58 -9.47 -10.90 5.45
C HIS E 58 -10.06 -11.84 4.41
N PHE E 59 -9.61 -13.10 4.37
CA PHE E 59 -8.58 -13.62 5.25
C PHE E 59 -7.54 -14.27 4.35
N PRO E 60 -6.31 -14.50 4.85
CA PRO E 60 -5.31 -15.13 3.99
C PRO E 60 -5.86 -16.43 3.42
N ASN E 61 -5.75 -16.60 2.11
CA ASN E 61 -6.23 -17.79 1.41
C ASN E 61 -7.74 -17.94 1.29
N LYS E 62 -8.49 -17.02 1.90
CA LYS E 62 -9.94 -17.09 1.81
C LYS E 62 -10.54 -15.69 1.80
N PRO E 63 -10.45 -14.99 0.65
CA PRO E 63 -10.98 -13.63 0.51
C PRO E 63 -12.48 -13.49 0.76
N ILE E 64 -12.82 -12.69 1.76
CA ILE E 64 -14.20 -12.42 2.12
C ILE E 64 -14.35 -10.92 2.41
N PHE E 65 -15.14 -10.22 1.59
CA PHE E 65 -15.32 -8.80 1.79
C PHE E 65 -15.91 -8.58 3.19
N PRO E 66 -15.25 -7.77 4.02
CA PRO E 66 -15.72 -7.51 5.39
C PRO E 66 -17.15 -6.99 5.49
N GLY E 67 -17.92 -7.59 6.39
CA GLY E 67 -19.29 -7.17 6.59
C GLY E 67 -19.38 -5.70 6.96
N VAL E 68 -18.46 -5.23 7.80
CA VAL E 68 -18.44 -3.83 8.21
C VAL E 68 -18.21 -2.89 7.04
N LEU E 69 -17.52 -3.36 6.00
CA LEU E 69 -17.28 -2.49 4.85
C LEU E 69 -18.49 -2.46 3.94
N ILE E 70 -19.35 -3.48 4.03
CA ILE E 70 -20.57 -3.52 3.23
C ILE E 70 -21.48 -2.44 3.83
N VAL E 71 -21.50 -2.37 5.16
CA VAL E 71 -22.30 -1.37 5.84
C VAL E 71 -21.80 0.02 5.50
N GLU E 72 -20.47 0.17 5.49
CA GLU E 72 -19.85 1.45 5.15
C GLU E 72 -20.28 1.86 3.74
N GLY E 73 -20.33 0.88 2.83
CA GLY E 73 -20.73 1.13 1.46
C GLY E 73 -22.18 1.60 1.37
N MET E 74 -23.05 0.99 2.18
CA MET E 74 -24.45 1.37 2.20
C MET E 74 -24.57 2.78 2.76
N ALA E 75 -23.70 3.10 3.72
CA ALA E 75 -23.68 4.40 4.35
C ALA E 75 -23.29 5.48 3.35
N GLN E 76 -22.27 5.20 2.56
CA GLN E 76 -21.80 6.16 1.57
C GLN E 76 -22.85 6.36 0.48
N SER E 77 -23.62 5.32 0.18
CA SER E 77 -24.66 5.42 -0.82
C SER E 77 -25.74 6.34 -0.27
N GLY E 78 -25.99 6.21 1.04
CA GLY E 78 -26.98 7.04 1.69
C GLY E 78 -26.49 8.49 1.71
N GLY E 79 -25.21 8.66 2.00
CA GLY E 79 -24.62 9.98 2.06
C GLY E 79 -24.73 10.73 0.75
N PHE E 80 -24.51 10.01 -0.35
CA PHE E 80 -24.62 10.63 -1.66
C PHE E 80 -26.06 11.06 -1.85
N LEU E 81 -26.99 10.17 -1.48
CA LEU E 81 -28.41 10.47 -1.60
C LEU E 81 -28.72 11.70 -0.75
N ALA E 82 -28.24 11.68 0.49
CA ALA E 82 -28.49 12.77 1.43
C ALA E 82 -27.97 14.11 0.94
N PHE E 83 -26.75 14.14 0.45
CA PHE E 83 -26.14 15.39 -0.02
C PHE E 83 -26.82 15.99 -1.24
N THR E 84 -27.05 15.16 -2.26
CA THR E 84 -27.66 15.65 -3.48
C THR E 84 -29.12 16.06 -3.27
N SER E 85 -29.75 15.49 -2.24
CA SER E 85 -31.12 15.84 -1.95
C SER E 85 -31.15 17.20 -1.29
N LEU E 86 -30.06 17.54 -0.61
CA LEU E 86 -29.93 18.82 0.08
C LEU E 86 -29.56 19.98 -0.85
N TRP E 87 -28.38 19.89 -1.46
CA TRP E 87 -27.86 20.94 -2.35
C TRP E 87 -27.86 20.59 -3.82
N GLY E 88 -28.34 19.41 -4.17
CA GLY E 88 -28.33 19.01 -5.57
C GLY E 88 -26.92 18.56 -5.89
N PHE E 89 -26.56 18.55 -7.17
CA PHE E 89 -25.21 18.13 -7.55
C PHE E 89 -24.30 19.35 -7.54
N ASP E 90 -23.70 19.64 -6.39
CA ASP E 90 -22.82 20.80 -6.27
C ASP E 90 -21.49 20.45 -5.63
N PRO E 91 -20.46 20.21 -6.46
CA PRO E 91 -19.12 19.85 -5.97
C PRO E 91 -18.46 20.92 -5.09
N GLU E 92 -18.74 22.19 -5.35
CA GLU E 92 -18.16 23.27 -4.57
C GLU E 92 -18.65 23.28 -3.12
N ILE E 93 -19.91 22.94 -2.92
CA ILE E 93 -20.44 22.90 -1.57
C ILE E 93 -19.98 21.59 -0.93
N ALA E 94 -19.93 20.54 -1.76
CA ALA E 94 -19.54 19.22 -1.29
C ALA E 94 -18.09 19.08 -0.83
N LYS E 95 -17.16 19.75 -1.50
CA LYS E 95 -15.75 19.60 -1.14
C LYS E 95 -15.33 19.98 0.28
N THR E 96 -16.22 20.61 1.05
CA THR E 96 -15.85 20.97 2.42
C THR E 96 -16.71 20.30 3.49
N LYS E 97 -17.41 19.23 3.09
CA LYS E 97 -18.28 18.48 4.01
C LYS E 97 -17.67 17.11 4.31
N ILE E 98 -18.05 16.53 5.44
CA ILE E 98 -17.60 15.19 5.80
C ILE E 98 -18.86 14.49 6.29
N VAL E 99 -18.77 13.18 6.53
CA VAL E 99 -19.93 12.41 6.98
C VAL E 99 -19.60 11.51 8.16
N TYR E 100 -20.28 11.72 9.29
CA TYR E 100 -20.06 10.92 10.49
C TYR E 100 -21.17 9.91 10.70
N PHE E 101 -20.78 8.69 11.06
CA PHE E 101 -21.73 7.64 11.37
C PHE E 101 -22.27 8.02 12.75
N MET E 102 -23.57 7.86 12.97
CA MET E 102 -24.14 8.18 14.27
C MET E 102 -24.64 6.92 14.96
N THR E 103 -25.36 6.09 14.21
CA THR E 103 -25.87 4.83 14.75
C THR E 103 -25.97 3.78 13.66
N ILE E 104 -25.98 2.52 14.09
CA ILE E 104 -26.12 1.41 13.18
C ILE E 104 -27.04 0.43 13.90
N ASP E 105 -28.06 -0.06 13.20
CA ASP E 105 -28.99 -0.99 13.82
C ASP E 105 -29.51 -2.06 12.88
N LYS E 106 -29.98 -3.14 13.49
CA LYS E 106 -30.56 -4.27 12.78
C LYS E 106 -29.85 -4.73 11.53
N VAL E 107 -28.54 -4.89 11.61
CA VAL E 107 -27.82 -5.36 10.44
C VAL E 107 -27.71 -6.87 10.57
N LYS E 108 -27.94 -7.55 9.46
CA LYS E 108 -27.88 -9.00 9.43
C LYS E 108 -27.16 -9.40 8.14
N PHE E 109 -26.14 -10.24 8.26
CA PHE E 109 -25.39 -10.71 7.09
C PHE E 109 -25.87 -12.12 6.77
N ARG E 110 -26.32 -12.35 5.54
CA ARG E 110 -26.84 -13.66 5.14
C ARG E 110 -25.91 -14.46 4.27
N ILE E 111 -25.19 -13.78 3.38
CA ILE E 111 -24.31 -14.44 2.44
C ILE E 111 -22.96 -13.74 2.33
N PRO E 112 -21.87 -14.50 2.40
CA PRO E 112 -20.54 -13.89 2.29
C PRO E 112 -20.33 -13.30 0.91
N VAL E 113 -19.68 -12.14 0.86
CA VAL E 113 -19.38 -11.47 -0.39
C VAL E 113 -17.92 -11.75 -0.72
N THR E 114 -17.66 -12.18 -1.95
CA THR E 114 -16.30 -12.53 -2.38
C THR E 114 -15.91 -11.88 -3.71
N PRO E 115 -14.62 -11.96 -4.08
CA PRO E 115 -14.12 -11.39 -5.33
C PRO E 115 -14.95 -11.85 -6.53
N GLY E 116 -15.27 -10.93 -7.43
CA GLY E 116 -16.07 -11.26 -8.59
C GLY E 116 -17.52 -10.87 -8.41
N ASP E 117 -17.89 -10.49 -7.19
CA ASP E 117 -19.26 -10.09 -6.91
C ASP E 117 -19.52 -8.62 -7.25
N ARG E 118 -20.76 -8.32 -7.63
CA ARG E 118 -21.17 -6.95 -7.90
C ARG E 118 -22.07 -6.64 -6.71
N LEU E 119 -21.51 -5.95 -5.71
CA LEU E 119 -22.23 -5.60 -4.49
C LEU E 119 -23.16 -4.42 -4.70
N GLU E 120 -24.45 -4.71 -4.77
CA GLU E 120 -25.46 -3.69 -5.03
C GLU E 120 -26.10 -3.16 -3.75
N TYR E 121 -26.04 -1.84 -3.57
CA TYR E 121 -26.61 -1.20 -2.41
C TYR E 121 -28.01 -0.61 -2.72
N HIS E 122 -28.99 -0.95 -1.89
CA HIS E 122 -30.33 -0.40 -2.05
C HIS E 122 -30.67 0.27 -0.73
N LEU E 123 -30.72 1.59 -0.74
CA LEU E 123 -31.05 2.35 0.46
C LEU E 123 -32.30 3.19 0.27
N GLU E 124 -33.09 3.27 1.32
CA GLU E 124 -34.31 4.08 1.31
C GLU E 124 -34.23 5.00 2.52
N VAL E 125 -34.70 6.23 2.37
CA VAL E 125 -34.71 7.20 3.44
C VAL E 125 -35.83 6.87 4.41
N LEU E 126 -35.50 6.58 5.66
CA LEU E 126 -36.53 6.23 6.66
C LEU E 126 -37.00 7.49 7.36
N LYS E 127 -36.10 8.44 7.52
CA LYS E 127 -36.42 9.68 8.19
C LYS E 127 -35.19 10.57 8.11
N HIS E 128 -35.42 11.82 7.75
CA HIS E 128 -34.32 12.76 7.64
C HIS E 128 -34.78 14.11 8.14
N LYS E 129 -33.86 14.82 8.80
CA LYS E 129 -34.10 16.14 9.37
C LYS E 129 -32.79 16.89 9.30
N GLY E 130 -32.77 17.95 8.48
CA GLY E 130 -31.55 18.73 8.34
C GLY E 130 -30.42 17.87 7.80
N MET E 131 -29.32 17.83 8.56
CA MET E 131 -28.13 17.07 8.18
C MET E 131 -28.20 15.62 8.64
N ILE E 132 -29.20 15.30 9.47
CA ILE E 132 -29.33 13.95 10.01
C ILE E 132 -30.25 13.06 9.18
N TRP E 133 -29.64 12.11 8.48
CA TRP E 133 -30.39 11.17 7.65
C TRP E 133 -30.36 9.75 8.19
N GLN E 134 -31.53 9.12 8.21
CA GLN E 134 -31.62 7.75 8.67
C GLN E 134 -32.13 6.91 7.51
N VAL E 135 -31.23 6.11 6.95
CA VAL E 135 -31.58 5.26 5.83
C VAL E 135 -31.52 3.80 6.20
N GLY E 136 -32.22 2.97 5.43
CA GLY E 136 -32.24 1.55 5.69
C GLY E 136 -32.38 0.82 4.37
N GLY E 137 -31.84 -0.39 4.30
CA GLY E 137 -31.94 -1.15 3.07
C GLY E 137 -31.17 -2.45 3.07
N THR E 138 -30.75 -2.87 1.88
CA THR E 138 -30.02 -4.11 1.71
C THR E 138 -28.86 -3.97 0.75
N ALA E 139 -27.98 -4.96 0.79
CA ALA E 139 -26.84 -5.05 -0.10
C ALA E 139 -27.19 -6.33 -0.86
N GLN E 140 -27.04 -6.32 -2.17
CA GLN E 140 -27.40 -7.50 -2.97
C GLN E 140 -26.34 -7.95 -3.97
N VAL E 141 -26.31 -9.26 -4.21
CA VAL E 141 -25.40 -9.85 -5.18
C VAL E 141 -26.22 -10.80 -6.04
N ASP E 142 -26.34 -10.46 -7.32
CA ASP E 142 -27.09 -11.27 -8.26
C ASP E 142 -28.55 -11.41 -7.84
N GLY E 143 -29.14 -10.31 -7.36
CA GLY E 143 -30.53 -10.34 -6.95
C GLY E 143 -30.84 -10.90 -5.57
N LYS E 144 -29.86 -11.50 -4.90
CA LYS E 144 -30.10 -12.06 -3.57
C LYS E 144 -29.62 -11.10 -2.49
N VAL E 145 -30.33 -11.04 -1.38
CA VAL E 145 -29.95 -10.16 -0.28
C VAL E 145 -28.81 -10.79 0.51
N VAL E 146 -27.66 -10.15 0.49
CA VAL E 146 -26.51 -10.67 1.23
C VAL E 146 -26.39 -9.96 2.58
N ALA E 147 -27.06 -8.82 2.73
CA ALA E 147 -27.01 -8.06 3.96
C ALA E 147 -28.17 -7.07 4.11
N GLU E 148 -28.51 -6.76 5.35
CA GLU E 148 -29.58 -5.82 5.70
C GLU E 148 -29.00 -4.86 6.71
N ALA E 149 -29.38 -3.60 6.64
CA ALA E 149 -28.88 -2.65 7.61
C ALA E 149 -29.70 -1.37 7.70
N GLU E 150 -29.61 -0.75 8.86
CA GLU E 150 -30.29 0.49 9.14
C GLU E 150 -29.22 1.37 9.76
N LEU E 151 -29.11 2.60 9.30
CA LEU E 151 -28.10 3.50 9.83
C LEU E 151 -28.51 4.95 9.81
N LYS E 152 -27.89 5.74 10.68
CA LYS E 152 -28.15 7.17 10.77
C LYS E 152 -26.81 7.88 10.67
N ALA E 153 -26.68 8.75 9.68
CA ALA E 153 -25.44 9.50 9.47
C ALA E 153 -25.72 10.98 9.46
N MET E 154 -24.69 11.75 9.78
CA MET E 154 -24.81 13.19 9.81
C MET E 154 -23.83 13.83 8.83
N ILE E 155 -24.30 14.80 8.06
CA ILE E 155 -23.45 15.52 7.13
C ILE E 155 -23.02 16.77 7.86
N ALA E 156 -21.71 17.04 7.89
CA ALA E 156 -21.21 18.21 8.59
C ALA E 156 -20.11 18.97 7.85
N GLU E 157 -20.11 20.28 8.02
CA GLU E 157 -19.11 21.15 7.42
C GLU E 157 -17.77 20.92 8.13
N ARG E 158 -16.68 20.76 7.37
CA ARG E 158 -15.36 20.57 7.98
C ARG E 158 -15.00 21.87 8.67
N GLU E 159 -14.36 21.77 9.82
CA GLU E 159 -13.91 22.97 10.49
C GLU E 159 -12.61 22.73 11.21
N GLN F 11 -1.68 -11.00 30.53
CA GLN F 11 -1.87 -10.24 29.25
C GLN F 11 -1.46 -11.03 28.01
N PHE F 12 -2.09 -10.70 26.87
CA PHE F 12 -1.74 -11.34 25.61
C PHE F 12 -1.23 -10.27 24.67
N PHE F 13 -0.09 -10.52 24.03
CA PHE F 13 0.49 -9.54 23.12
C PHE F 13 0.23 -9.85 21.66
N ILE F 14 0.64 -8.95 20.77
CA ILE F 14 0.41 -9.13 19.36
C ILE F 14 0.75 -10.55 18.87
N GLU F 15 1.90 -11.05 19.26
CA GLU F 15 2.32 -12.41 18.87
C GLU F 15 1.27 -13.47 19.27
N HIS F 16 0.67 -13.32 20.46
CA HIS F 16 -0.35 -14.25 20.94
C HIS F 16 -1.66 -14.06 20.16
N ILE F 17 -2.03 -12.80 19.94
CA ILE F 17 -3.24 -12.50 19.21
C ILE F 17 -3.15 -13.13 17.82
N LEU F 18 -1.97 -13.04 17.20
CA LEU F 18 -1.75 -13.61 15.87
C LEU F 18 -1.91 -15.13 15.84
N GLN F 19 -1.68 -15.79 16.96
CA GLN F 19 -1.81 -17.23 17.01
C GLN F 19 -3.26 -17.68 17.08
N ILE F 20 -4.14 -16.80 17.54
CA ILE F 20 -5.56 -17.13 17.66
C ILE F 20 -6.46 -16.56 16.57
N LEU F 21 -6.40 -15.25 16.36
CA LEU F 21 -7.24 -14.62 15.35
C LEU F 21 -6.70 -14.86 13.93
N PRO F 22 -7.58 -15.11 12.97
CA PRO F 22 -7.17 -15.35 11.58
C PRO F 22 -6.90 -14.06 10.82
N HIS F 23 -7.44 -12.96 11.32
CA HIS F 23 -7.27 -11.66 10.66
C HIS F 23 -5.80 -11.26 10.54
N ARG F 24 -5.47 -10.55 9.46
CA ARG F 24 -4.13 -10.06 9.22
C ARG F 24 -4.21 -8.65 8.65
N TYR F 25 -3.06 -8.05 8.39
CA TYR F 25 -2.98 -6.70 7.84
C TYR F 25 -3.68 -6.64 6.48
N PRO F 26 -4.46 -5.58 6.24
CA PRO F 26 -4.70 -4.48 7.19
C PRO F 26 -6.05 -4.56 7.89
N MET F 27 -6.45 -5.77 8.29
CA MET F 27 -7.72 -5.98 8.98
C MET F 27 -7.63 -6.58 10.38
N LEU F 28 -6.43 -6.57 10.96
CA LEU F 28 -6.23 -7.07 12.33
C LEU F 28 -6.22 -5.79 13.15
N LEU F 29 -7.29 -5.56 13.91
CA LEU F 29 -7.40 -4.32 14.65
C LEU F 29 -7.37 -4.39 16.17
N VAL F 30 -6.61 -5.34 16.71
CA VAL F 30 -6.46 -5.46 18.15
C VAL F 30 -4.98 -5.69 18.37
N ASP F 31 -4.35 -4.81 19.14
CA ASP F 31 -2.92 -4.90 19.40
C ASP F 31 -2.55 -5.63 20.69
N ARG F 32 -3.45 -5.58 21.67
CA ARG F 32 -3.15 -6.21 22.95
C ARG F 32 -4.42 -6.52 23.76
N ILE F 33 -4.37 -7.60 24.54
CA ILE F 33 -5.49 -8.01 25.40
C ILE F 33 -5.02 -7.77 26.82
N THR F 34 -5.75 -6.95 27.59
CA THR F 34 -5.38 -6.66 28.96
C THR F 34 -6.11 -7.47 30.02
N GLU F 35 -7.36 -7.85 29.76
CA GLU F 35 -8.17 -8.66 30.69
C GLU F 35 -8.92 -9.75 29.94
N LEU F 36 -8.97 -10.95 30.50
CA LEU F 36 -9.68 -12.04 29.87
C LEU F 36 -10.33 -12.94 30.93
N GLN F 37 -11.64 -13.11 30.83
CA GLN F 37 -12.36 -13.98 31.76
C GLN F 37 -13.29 -14.83 30.93
N ALA F 38 -12.95 -16.12 30.82
CA ALA F 38 -13.72 -17.07 30.05
C ALA F 38 -15.23 -16.98 30.25
N ASN F 39 -15.96 -16.95 29.14
CA ASN F 39 -17.42 -16.91 29.16
C ASN F 39 -17.99 -15.70 29.89
N GLN F 40 -17.13 -14.74 30.19
CA GLN F 40 -17.57 -13.55 30.91
C GLN F 40 -17.33 -12.24 30.16
N LYS F 41 -16.07 -11.85 30.04
CA LYS F 41 -15.76 -10.59 29.37
C LYS F 41 -14.31 -10.46 28.93
N ILE F 42 -14.04 -9.39 28.18
CA ILE F 42 -12.69 -9.16 27.72
C ILE F 42 -12.43 -7.68 27.55
N VAL F 43 -11.22 -7.26 27.89
CA VAL F 43 -10.82 -5.87 27.74
C VAL F 43 -9.55 -5.90 26.91
N ALA F 44 -9.57 -5.17 25.80
CA ALA F 44 -8.40 -5.11 24.91
C ALA F 44 -8.35 -3.73 24.28
N TYR F 45 -7.29 -3.48 23.51
CA TYR F 45 -7.17 -2.18 22.87
C TYR F 45 -6.36 -2.21 21.60
N LYS F 46 -6.46 -1.12 20.85
CA LYS F 46 -5.72 -0.93 19.62
C LYS F 46 -5.25 0.51 19.61
N ASN F 47 -3.98 0.73 19.30
CA ASN F 47 -3.49 2.09 19.22
C ASN F 47 -3.92 2.65 17.87
N ILE F 48 -4.14 3.96 17.83
CA ILE F 48 -4.53 4.62 16.59
C ILE F 48 -3.41 5.62 16.30
N THR F 49 -2.79 5.45 15.14
CA THR F 49 -1.70 6.32 14.74
C THR F 49 -2.03 6.88 13.35
N PHE F 50 -1.40 7.99 12.99
CA PHE F 50 -1.62 8.57 11.67
C PHE F 50 -1.04 7.64 10.61
N ASN F 51 -0.03 6.86 11.00
CA ASN F 51 0.66 5.94 10.09
C ASN F 51 -0.16 4.72 9.68
N GLU F 52 -1.45 4.91 9.47
CA GLU F 52 -2.32 3.81 9.05
C GLU F 52 -2.90 4.20 7.69
N ASP F 53 -2.92 3.26 6.75
CA ASP F 53 -3.41 3.51 5.40
C ASP F 53 -4.86 4.03 5.32
N VAL F 54 -5.74 3.59 6.22
CA VAL F 54 -7.13 4.08 6.18
C VAL F 54 -7.24 5.59 6.19
N PHE F 55 -6.37 6.25 6.94
CA PHE F 55 -6.45 7.69 7.05
C PHE F 55 -6.22 8.46 5.76
N ASN F 56 -5.67 7.80 4.74
CA ASN F 56 -5.47 8.47 3.46
C ASN F 56 -6.84 8.79 2.86
N GLY F 57 -7.83 7.95 3.16
CA GLY F 57 -9.15 8.20 2.61
C GLY F 57 -10.27 8.47 3.60
N HIS F 58 -9.96 8.60 4.88
CA HIS F 58 -11.02 8.85 5.86
C HIS F 58 -10.62 9.80 7.00
N PHE F 59 -10.50 11.10 6.73
CA PHE F 59 -10.72 11.70 5.43
C PHE F 59 -9.50 12.55 5.11
N PRO F 60 -9.30 12.91 3.83
CA PRO F 60 -8.13 13.74 3.51
C PRO F 60 -8.10 15.00 4.38
N ASN F 61 -6.95 15.26 5.01
CA ASN F 61 -6.79 16.44 5.87
C ASN F 61 -7.66 16.43 7.15
N LYS F 62 -8.30 15.31 7.44
CA LYS F 62 -9.16 15.20 8.63
C LYS F 62 -9.23 13.73 9.05
N PRO F 63 -8.17 13.23 9.72
CA PRO F 63 -8.01 11.85 10.21
C PRO F 63 -9.05 11.43 11.23
N ILE F 64 -9.92 10.50 10.84
CA ILE F 64 -10.97 10.00 11.71
C ILE F 64 -11.10 8.48 11.53
N PHE F 65 -10.73 7.73 12.57
CA PHE F 65 -10.80 6.27 12.49
C PHE F 65 -12.24 5.92 12.16
N PRO F 66 -12.45 5.08 11.13
CA PRO F 66 -13.82 4.72 10.76
C PRO F 66 -14.64 4.02 11.85
N GLY F 67 -15.84 4.54 12.08
CA GLY F 67 -16.71 3.95 13.08
C GLY F 67 -16.92 2.46 12.85
N VAL F 68 -16.98 2.05 11.59
CA VAL F 68 -17.18 0.65 11.28
C VAL F 68 -15.98 -0.20 11.69
N LEU F 69 -14.79 0.41 11.72
CA LEU F 69 -13.58 -0.32 12.12
C LEU F 69 -13.50 -0.42 13.63
N ILE F 70 -14.16 0.50 14.33
CA ILE F 70 -14.21 0.45 15.78
C ILE F 70 -15.04 -0.80 16.09
N VAL F 71 -16.14 -0.95 15.38
CA VAL F 71 -17.01 -2.11 15.58
C VAL F 71 -16.27 -3.40 15.23
N GLU F 72 -15.48 -3.38 14.16
CA GLU F 72 -14.71 -4.55 13.75
C GLU F 72 -13.74 -4.93 14.88
N GLY F 73 -13.11 -3.91 15.45
CA GLY F 73 -12.18 -4.13 16.55
C GLY F 73 -12.87 -4.74 17.74
N MET F 74 -14.13 -4.39 17.97
CA MET F 74 -14.87 -4.94 19.09
C MET F 74 -15.24 -6.40 18.79
N ALA F 75 -15.56 -6.67 17.54
CA ALA F 75 -15.92 -8.02 17.11
C ALA F 75 -14.72 -8.95 17.24
N GLN F 76 -13.55 -8.48 16.80
CA GLN F 76 -12.34 -9.27 16.90
C GLN F 76 -12.02 -9.54 18.37
N SER F 77 -12.23 -8.55 19.23
CA SER F 77 -11.98 -8.75 20.65
C SER F 77 -12.92 -9.84 21.15
N GLY F 78 -14.18 -9.74 20.72
CA GLY F 78 -15.16 -10.73 21.12
C GLY F 78 -14.76 -12.09 20.57
N GLY F 79 -14.22 -12.09 19.35
CA GLY F 79 -13.81 -13.34 18.74
C GLY F 79 -12.72 -14.04 19.54
N PHE F 80 -11.75 -13.26 20.03
CA PHE F 80 -10.64 -13.80 20.82
C PHE F 80 -11.20 -14.40 22.12
N LEU F 81 -12.24 -13.77 22.64
CA LEU F 81 -12.89 -14.23 23.86
C LEU F 81 -13.58 -15.56 23.55
N ALA F 82 -14.18 -15.65 22.37
CA ALA F 82 -14.88 -16.86 21.93
C ALA F 82 -13.94 -18.04 21.67
N PHE F 83 -12.86 -17.80 20.95
CA PHE F 83 -11.89 -18.86 20.65
C PHE F 83 -11.37 -19.47 21.95
N THR F 84 -10.88 -18.61 22.83
CA THR F 84 -10.31 -19.09 24.07
C THR F 84 -11.31 -19.67 25.06
N SER F 85 -12.55 -19.19 25.04
CA SER F 85 -13.54 -19.75 25.94
C SER F 85 -13.89 -21.18 25.49
N LEU F 86 -13.87 -21.38 24.18
CA LEU F 86 -14.20 -22.66 23.58
C LEU F 86 -13.10 -23.70 23.71
N TRP F 87 -11.91 -23.34 23.24
CA TRP F 87 -10.78 -24.26 23.24
C TRP F 87 -9.52 -23.87 24.04
N GLY F 88 -9.57 -22.74 24.73
CA GLY F 88 -8.40 -22.30 25.46
C GLY F 88 -7.41 -21.70 24.48
N PHE F 89 -6.18 -21.45 24.92
CA PHE F 89 -5.19 -20.89 24.01
C PHE F 89 -4.60 -22.04 23.22
N ASP F 90 -5.22 -22.36 22.09
CA ASP F 90 -4.79 -23.46 21.27
C ASP F 90 -4.54 -23.00 19.83
N PRO F 91 -3.29 -22.64 19.51
CA PRO F 91 -2.95 -22.19 18.15
C PRO F 91 -3.27 -23.20 17.06
N GLU F 92 -3.09 -24.49 17.36
CA GLU F 92 -3.36 -25.53 16.38
C GLU F 92 -4.81 -25.56 15.87
N ILE F 93 -5.78 -25.60 16.78
CA ILE F 93 -7.17 -25.61 16.34
C ILE F 93 -7.54 -24.25 15.72
N ALA F 94 -6.99 -23.17 16.28
CA ALA F 94 -7.26 -21.83 15.78
C ALA F 94 -6.92 -21.63 14.30
N LYS F 95 -5.79 -22.18 13.85
CA LYS F 95 -5.37 -22.00 12.46
C LYS F 95 -6.27 -22.62 11.41
N THR F 96 -7.29 -23.38 11.83
CA THR F 96 -8.19 -23.98 10.87
C THR F 96 -9.49 -23.19 10.76
N LYS F 97 -9.66 -22.21 11.64
CA LYS F 97 -10.89 -21.40 11.66
C LYS F 97 -10.78 -19.98 11.12
N ILE F 98 -11.96 -19.41 10.84
CA ILE F 98 -12.11 -18.02 10.40
C ILE F 98 -13.36 -17.58 11.17
N VAL F 99 -13.73 -16.32 11.02
CA VAL F 99 -14.91 -15.81 11.72
C VAL F 99 -15.78 -14.98 10.80
N TYR F 100 -17.09 -15.19 10.88
CA TYR F 100 -18.06 -14.45 10.08
C TYR F 100 -18.92 -13.58 10.99
N PHE F 101 -19.23 -12.38 10.51
CA PHE F 101 -20.11 -11.46 11.23
C PHE F 101 -21.52 -11.96 10.94
N MET F 102 -22.38 -12.04 11.95
CA MET F 102 -23.76 -12.47 11.73
C MET F 102 -24.75 -11.30 11.85
N THR F 103 -24.67 -10.58 12.97
CA THR F 103 -25.54 -9.42 13.19
C THR F 103 -24.80 -8.32 13.94
N ILE F 104 -25.29 -7.10 13.79
CA ILE F 104 -24.72 -5.95 14.47
C ILE F 104 -25.94 -5.15 14.91
N ASP F 105 -25.91 -4.64 16.13
CA ASP F 105 -27.07 -3.88 16.57
C ASP F 105 -26.78 -2.97 17.75
N LYS F 106 -27.65 -1.97 17.91
CA LYS F 106 -27.54 -1.00 18.99
C LYS F 106 -26.21 -0.29 19.03
N VAL F 107 -25.67 0.08 17.87
CA VAL F 107 -24.40 0.78 17.90
C VAL F 107 -24.62 2.28 17.85
N LYS F 108 -23.91 2.97 18.72
CA LYS F 108 -23.99 4.40 18.81
C LYS F 108 -22.59 4.97 18.91
N PHE F 109 -22.29 5.99 18.12
CA PHE F 109 -20.98 6.64 18.15
C PHE F 109 -21.16 7.99 18.84
N ARG F 110 -20.33 8.26 19.84
CA ARG F 110 -20.43 9.50 20.59
C ARG F 110 -19.26 10.44 20.40
N ILE F 111 -18.06 9.89 20.27
CA ILE F 111 -16.88 10.72 20.11
C ILE F 111 -15.95 10.18 19.04
N PRO F 112 -15.49 11.05 18.12
CA PRO F 112 -14.58 10.60 17.05
C PRO F 112 -13.25 10.12 17.60
N VAL F 113 -12.74 9.04 17.03
CA VAL F 113 -11.47 8.46 17.42
C VAL F 113 -10.46 8.95 16.42
N THR F 114 -9.34 9.47 16.89
CA THR F 114 -8.33 10.04 16.01
C THR F 114 -6.91 9.57 16.33
N PRO F 115 -5.95 9.87 15.44
CA PRO F 115 -4.56 9.45 15.68
C PRO F 115 -4.12 9.93 17.07
N GLY F 116 -3.47 9.05 17.82
CA GLY F 116 -3.02 9.40 19.16
C GLY F 116 -3.89 8.77 20.22
N ASP F 117 -5.05 8.28 19.82
CA ASP F 117 -5.97 7.65 20.75
C ASP F 117 -5.64 6.19 21.02
N ARG F 118 -5.93 5.76 22.24
CA ARG F 118 -5.76 4.38 22.66
C ARG F 118 -7.20 3.90 22.67
N LEU F 119 -7.59 3.15 21.64
CA LEU F 119 -8.94 2.63 21.52
C LEU F 119 -9.11 1.35 22.31
N GLU F 120 -9.77 1.45 23.45
CA GLU F 120 -9.97 0.32 24.34
C GLU F 120 -11.33 -0.36 24.13
N TYR F 121 -11.30 -1.68 23.99
CA TYR F 121 -12.52 -2.48 23.77
C TYR F 121 -12.96 -3.20 25.05
N HIS F 122 -14.23 -3.06 25.40
CA HIS F 122 -14.79 -3.71 26.59
C HIS F 122 -15.97 -4.56 26.13
N LEU F 123 -15.79 -5.88 26.04
CA LEU F 123 -16.87 -6.75 25.62
C LEU F 123 -17.23 -7.81 26.65
N GLU F 124 -18.53 -8.11 26.75
CA GLU F 124 -18.99 -9.14 27.67
C GLU F 124 -19.89 -10.07 26.88
N VAL F 125 -19.97 -11.32 27.33
CA VAL F 125 -20.80 -12.31 26.65
C VAL F 125 -22.26 -12.07 27.02
N LEU F 126 -23.11 -11.96 26.01
CA LEU F 126 -24.54 -11.77 26.25
C LEU F 126 -25.19 -13.14 26.13
N LYS F 127 -24.65 -13.95 25.23
CA LYS F 127 -25.22 -15.26 24.98
C LYS F 127 -24.35 -16.03 23.99
N HIS F 128 -24.28 -17.35 24.14
CA HIS F 128 -23.49 -18.13 23.22
C HIS F 128 -23.93 -19.60 23.17
N LYS F 129 -23.70 -20.22 22.02
CA LYS F 129 -24.02 -21.62 21.82
C LYS F 129 -23.24 -22.14 20.62
N GLY F 130 -22.44 -23.17 20.85
CA GLY F 130 -21.64 -23.72 19.77
C GLY F 130 -20.66 -22.68 19.27
N MET F 131 -20.62 -22.50 17.95
CA MET F 131 -19.71 -21.52 17.35
C MET F 131 -20.32 -20.13 17.30
N ILE F 132 -21.59 -20.01 17.68
CA ILE F 132 -22.27 -18.72 17.65
C ILE F 132 -22.19 -17.96 18.96
N TRP F 133 -21.58 -16.77 18.90
CA TRP F 133 -21.41 -15.93 20.08
C TRP F 133 -21.97 -14.53 19.93
N GLN F 134 -22.68 -14.07 20.97
CA GLN F 134 -23.24 -12.72 20.96
C GLN F 134 -22.66 -11.91 22.11
N VAL F 135 -21.97 -10.84 21.78
CA VAL F 135 -21.37 -9.98 22.78
C VAL F 135 -21.81 -8.54 22.64
N GLY F 136 -21.55 -7.75 23.67
CA GLY F 136 -21.91 -6.36 23.66
C GLY F 136 -20.99 -5.60 24.59
N GLY F 137 -20.90 -4.29 24.38
CA GLY F 137 -20.05 -3.49 25.23
C GLY F 137 -19.81 -2.10 24.69
N THR F 138 -18.61 -1.58 24.94
CA THR F 138 -18.26 -0.24 24.51
C THR F 138 -16.80 -0.13 24.07
N ALA F 139 -16.51 0.96 23.36
CA ALA F 139 -15.15 1.26 22.93
C ALA F 139 -14.85 2.51 23.75
N GLN F 140 -13.65 2.58 24.34
CA GLN F 140 -13.30 3.71 25.18
C GLN F 140 -11.95 4.33 24.87
N VAL F 141 -11.88 5.64 25.05
CA VAL F 141 -10.66 6.41 24.87
C VAL F 141 -10.52 7.22 26.15
N ASP F 142 -9.47 6.92 26.91
CA ASP F 142 -9.19 7.60 28.16
C ASP F 142 -10.37 7.63 29.13
N GLY F 143 -10.97 6.47 29.37
CA GLY F 143 -12.08 6.42 30.30
C GLY F 143 -13.47 6.80 29.80
N LYS F 144 -13.55 7.55 28.70
CA LYS F 144 -14.84 7.97 28.16
C LYS F 144 -15.35 7.04 27.04
N VAL F 145 -16.65 6.74 27.08
CA VAL F 145 -17.25 5.89 26.07
C VAL F 145 -17.29 6.63 24.74
N VAL F 146 -16.67 6.07 23.72
CA VAL F 146 -16.70 6.71 22.41
C VAL F 146 -17.62 5.94 21.50
N ALA F 147 -18.06 4.76 21.94
CA ALA F 147 -18.94 3.92 21.13
C ALA F 147 -19.56 2.77 21.91
N GLU F 148 -20.74 2.34 21.47
CA GLU F 148 -21.46 1.22 22.08
C GLU F 148 -21.89 0.30 20.96
N ALA F 149 -21.95 -1.00 21.24
CA ALA F 149 -22.35 -1.94 20.22
C ALA F 149 -22.62 -3.34 20.73
N GLU F 150 -23.44 -4.07 19.99
CA GLU F 150 -23.76 -5.45 20.30
C GLU F 150 -23.58 -6.15 18.96
N LEU F 151 -23.13 -7.39 18.99
CA LEU F 151 -22.91 -8.11 17.75
C LEU F 151 -22.89 -9.61 17.99
N LYS F 152 -23.17 -10.36 16.93
CA LYS F 152 -23.18 -11.80 17.01
C LYS F 152 -22.29 -12.30 15.88
N ALA F 153 -21.34 -13.17 16.21
CA ALA F 153 -20.42 -13.70 15.22
C ALA F 153 -20.34 -15.22 15.27
N MET F 154 -19.91 -15.81 14.16
CA MET F 154 -19.79 -17.26 14.09
C MET F 154 -18.40 -17.72 13.68
N ILE F 155 -17.91 -18.73 14.39
CA ILE F 155 -16.60 -19.31 14.12
C ILE F 155 -16.87 -20.49 13.22
N ALA F 156 -16.06 -20.65 12.17
CA ALA F 156 -16.25 -21.77 11.23
C ALA F 156 -14.94 -22.33 10.68
N GLU F 157 -14.98 -23.58 10.21
CA GLU F 157 -13.80 -24.22 9.65
C GLU F 157 -13.36 -23.50 8.37
N ARG F 158 -12.06 -23.29 8.24
CA ARG F 158 -11.46 -22.64 7.06
C ARG F 158 -12.14 -23.18 5.79
N GLU F 159 -12.35 -24.50 5.75
CA GLU F 159 -13.02 -25.11 4.60
C GLU F 159 -13.43 -26.55 4.90
#